data_3VSJ
#
_entry.id   3VSJ
#
_cell.length_a   270.240
_cell.length_b   48.390
_cell.length_c   108.550
_cell.angle_alpha   90.00
_cell.angle_beta   109.57
_cell.angle_gamma   90.00
#
_symmetry.space_group_name_H-M   'C 1 2 1'
#
loop_
_entity.id
_entity.type
_entity.pdbx_description
1 polymer '2-amino-5-chlorophenol 1,6-dioxygenase alpha subunit'
2 polymer '2-amino-5-chlorophenol 1,6-dioxygenase beta subunit'
3 non-polymer 'CHLORIDE ION'
4 non-polymer 'FE (II) ION'
5 non-polymer '(2Z,4Z)-2-imino-6-oxohex-4-enoic acid'
6 non-polymer (3E)-3-iminooxepin-2(3H)-one
7 non-polymer 'HYDROXIDE ION'
8 water water
#
loop_
_entity_poly.entity_id
_entity_poly.type
_entity_poly.pdbx_seq_one_letter_code
_entity_poly.pdbx_strand_id
1 'polypeptide(L)'
;MTVVSAFLVPGTPLPQLKPEVPSWGQLAAATERAGKALAASRPDVVLVYSTQWLAVLDQQWLTRPRSEGVHVDENWYEFG
DLAYDIRADTALAEACVTSSPLHGVHARGVNYDGFPIDTGTITACTLMGIGTDAFPLVVGSNNLYHSGEITEKLAALAVD
CAKDQNKRVAVVGVGGLSGSLFREEIDPREDRIANEEDDKWNRRVLKLIEAGDVSALREAMPVYAKEARVDMGFKHLHWI
LGALKGKFSGANVLGYGPSYGSGAAVIEFRL
;
A,C
2 'polypeptide(L)'
;MQGEIIAGFLAPHPPHLVYGENPPQNEPRSQGGWEVLRWAYERARERLDAMKPDVLLVHSPHWITSVGHHFLGVPELSGK
SVDPIFPNVFRYDFSLNVDVELAEACAEEGRKAGLVTKMMRNPKFRVDYGTITTLHLIRPQWDIPVVGISANNSPYYLNT
KEGMSEMDVLGKATREAIRKTGRKAVLLASNTLSHWHFHEEPTIPEDMSKEYPATMAGYQWDIRMIELMRQGKTSEVFKL
LPQFIDEAFAEVKSGAFTWMHAAMQYPELAAELFGYGTVIGTGNAVMEWDLRKAGLSMLGAADQKQRSAAVA
;
B,D
#
loop_
_chem_comp.id
_chem_comp.type
_chem_comp.name
_chem_comp.formula
2X7 non-polymer (3E)-3-iminooxepin-2(3H)-one 'C6 H5 N O2'
2XP non-polymer '(2Z,4Z)-2-imino-6-oxohex-4-enoic acid' 'C6 H7 N O3'
CL non-polymer 'CHLORIDE ION' 'Cl -1'
FE2 non-polymer 'FE (II) ION' 'Fe 2'
OH non-polymer 'HYDROXIDE ION' 'H O -1'
#
# COMPACT_ATOMS: atom_id res chain seq x y z
N THR A 2 21.70 -37.41 -26.73
CA THR A 2 20.52 -36.59 -27.07
C THR A 2 20.94 -35.31 -27.80
N VAL A 3 21.96 -34.64 -27.28
CA VAL A 3 22.55 -33.49 -27.96
C VAL A 3 23.39 -33.99 -29.13
N VAL A 4 23.05 -33.51 -30.32
CA VAL A 4 23.77 -33.88 -31.56
C VAL A 4 24.63 -32.73 -32.11
N SER A 5 24.44 -31.52 -31.59
CA SER A 5 25.09 -30.34 -32.13
C SER A 5 25.12 -29.20 -31.12
N ALA A 6 26.17 -28.39 -31.21
CA ALA A 6 26.32 -27.24 -30.32
C ALA A 6 27.05 -26.09 -31.05
N PHE A 7 26.49 -24.90 -30.96
CA PHE A 7 27.05 -23.71 -31.61
C PHE A 7 26.91 -22.49 -30.72
N LEU A 8 27.88 -21.56 -30.83
CA LEU A 8 27.73 -20.22 -30.27
C LEU A 8 27.78 -19.25 -31.43
N VAL A 9 26.79 -18.36 -31.52
CA VAL A 9 26.73 -17.40 -32.62
C VAL A 9 26.45 -15.98 -32.10
N PRO A 10 26.81 -14.95 -32.88
CA PRO A 10 26.63 -13.57 -32.41
C PRO A 10 25.17 -13.18 -32.27
N GLY A 11 24.89 -12.26 -31.34
CA GLY A 11 23.57 -11.65 -31.22
C GLY A 11 23.43 -10.37 -32.04
N THR A 12 24.56 -9.82 -32.50
CA THR A 12 24.55 -8.59 -33.30
C THR A 12 23.86 -8.83 -34.64
N PRO A 13 23.04 -7.85 -35.10
CA PRO A 13 22.37 -7.97 -36.39
C PRO A 13 23.18 -7.40 -37.55
N LEU A 14 24.33 -6.79 -37.25
CA LEU A 14 25.14 -6.12 -38.25
C LEU A 14 25.67 -7.07 -39.35
N PRO A 15 26.06 -8.30 -38.97
CA PRO A 15 26.47 -9.22 -40.03
C PRO A 15 25.34 -9.52 -41.02
N GLN A 16 24.12 -9.68 -40.53
CA GLN A 16 22.97 -9.88 -41.41
C GLN A 16 22.63 -8.63 -42.22
N LEU A 17 22.55 -7.50 -41.53
CA LEU A 17 22.04 -6.26 -42.09
C LEU A 17 22.95 -5.63 -43.13
N LYS A 18 24.26 -5.72 -42.94
CA LYS A 18 25.19 -5.09 -43.87
C LYS A 18 26.41 -5.96 -44.14
N PRO A 19 26.21 -7.11 -44.82
CA PRO A 19 27.30 -8.04 -45.12
C PRO A 19 28.36 -7.48 -46.06
N GLU A 20 28.05 -6.40 -46.78
CA GLU A 20 29.02 -5.81 -47.71
C GLU A 20 30.16 -5.07 -47.02
N VAL A 21 30.04 -4.88 -45.70
CA VAL A 21 31.20 -4.56 -44.87
C VAL A 21 31.91 -5.90 -44.67
N PRO A 22 33.12 -6.06 -45.24
CA PRO A 22 33.78 -7.36 -45.35
C PRO A 22 33.78 -8.23 -44.07
N SER A 23 34.27 -7.69 -42.96
CA SER A 23 34.39 -8.48 -41.72
C SER A 23 33.02 -8.87 -41.17
N TRP A 24 32.06 -7.98 -41.34
CA TRP A 24 30.66 -8.29 -41.01
C TRP A 24 30.14 -9.42 -41.91
N GLY A 25 30.43 -9.32 -43.21
CA GLY A 25 30.07 -10.36 -44.17
C GLY A 25 30.70 -11.71 -43.88
N GLN A 26 31.93 -11.71 -43.40
CA GLN A 26 32.61 -12.94 -43.02
C GLN A 26 31.91 -13.62 -41.84
N LEU A 27 31.50 -12.80 -40.86
CA LEU A 27 30.78 -13.31 -39.69
C LEU A 27 29.41 -13.89 -40.12
N ALA A 28 28.73 -13.22 -41.04
CA ALA A 28 27.45 -13.71 -41.56
C ALA A 28 27.64 -15.04 -42.31
N ALA A 29 28.67 -15.10 -43.15
CA ALA A 29 29.01 -16.33 -43.86
C ALA A 29 29.32 -17.46 -42.89
N ALA A 30 30.01 -17.13 -41.79
CA ALA A 30 30.36 -18.12 -40.77
C ALA A 30 29.11 -18.64 -40.06
N THR A 31 28.17 -17.74 -39.76
CA THR A 31 26.90 -18.15 -39.15
C THR A 31 26.09 -19.06 -40.07
N GLU A 32 26.02 -18.69 -41.34
CA GLU A 32 25.39 -19.51 -42.37
C GLU A 32 25.97 -20.93 -42.38
N ARG A 33 27.30 -21.03 -42.34
CA ARG A 33 27.98 -22.32 -42.29
C ARG A 33 27.67 -23.10 -41.01
N ALA A 34 27.58 -22.39 -39.88
CA ALA A 34 27.17 -23.00 -38.61
C ALA A 34 25.76 -23.61 -38.74
N GLY A 35 24.87 -22.90 -39.42
CA GLY A 35 23.53 -23.38 -39.71
C GLY A 35 23.51 -24.63 -40.56
N LYS A 36 24.41 -24.71 -41.53
CA LYS A 36 24.50 -25.91 -42.38
C LYS A 36 24.99 -27.12 -41.57
N ALA A 37 25.95 -26.88 -40.68
CA ALA A 37 26.45 -27.92 -39.80
C ALA A 37 25.35 -28.41 -38.86
N LEU A 38 24.64 -27.44 -38.27
CA LEU A 38 23.44 -27.70 -37.47
C LEU A 38 22.50 -28.65 -38.22
N ALA A 39 22.08 -28.25 -39.42
CA ALA A 39 21.16 -29.06 -40.23
C ALA A 39 21.67 -30.49 -40.47
N ALA A 40 22.96 -30.61 -40.79
CA ALA A 40 23.58 -31.92 -41.07
C ALA A 40 23.57 -32.87 -39.86
N SER A 41 23.47 -32.32 -38.65
CA SER A 41 23.34 -33.13 -37.44
C SER A 41 21.90 -33.60 -37.20
N ARG A 42 20.97 -33.14 -38.02
CA ARG A 42 19.57 -33.62 -38.01
C ARG A 42 18.91 -33.54 -36.64
N PRO A 43 18.78 -32.34 -36.08
CA PRO A 43 18.06 -32.18 -34.84
C PRO A 43 16.55 -32.08 -35.08
N ASP A 44 15.78 -32.43 -34.07
CA ASP A 44 14.33 -32.25 -34.07
C ASP A 44 13.96 -30.91 -33.45
N VAL A 45 14.85 -30.37 -32.62
CA VAL A 45 14.67 -29.08 -31.96
C VAL A 45 15.99 -28.35 -31.82
N VAL A 46 15.91 -27.03 -31.72
CA VAL A 46 17.07 -26.20 -31.45
C VAL A 46 16.88 -25.53 -30.09
N LEU A 47 17.78 -25.82 -29.17
CA LEU A 47 17.70 -25.31 -27.80
C LEU A 47 18.43 -23.97 -27.73
N VAL A 48 17.68 -22.87 -27.75
CA VAL A 48 18.26 -21.54 -27.89
C VAL A 48 18.22 -20.68 -26.62
N TYR A 49 19.36 -20.04 -26.34
CA TYR A 49 19.45 -18.97 -25.33
C TYR A 49 20.08 -17.74 -25.98
N SER A 50 19.41 -16.60 -25.84
CA SER A 50 19.95 -15.32 -26.30
C SER A 50 20.16 -14.36 -25.13
N THR A 51 21.33 -13.72 -25.10
CA THR A 51 21.64 -12.72 -24.09
C THR A 51 20.70 -11.52 -24.12
N GLN A 52 20.07 -11.26 -25.26
CA GLN A 52 19.20 -10.08 -25.43
C GLN A 52 17.73 -10.33 -25.11
N TRP A 53 17.38 -11.59 -24.82
CA TRP A 53 16.03 -11.99 -24.45
C TRP A 53 15.96 -11.88 -22.92
N LEU A 54 15.52 -10.73 -22.42
CA LEU A 54 15.69 -10.40 -21.00
C LEU A 54 14.46 -10.67 -20.15
N ALA A 55 14.66 -11.37 -19.04
CA ALA A 55 13.62 -11.57 -18.03
C ALA A 55 14.13 -11.09 -16.67
N VAL A 56 13.22 -10.59 -15.84
CA VAL A 56 13.56 -10.13 -14.48
C VAL A 56 12.73 -10.79 -13.38
N LEU A 57 11.48 -11.13 -13.68
CA LEU A 57 10.66 -11.85 -12.73
C LEU A 57 10.97 -13.33 -12.87
N ASP A 58 10.04 -14.15 -13.36
CA ASP A 58 10.38 -15.56 -13.56
C ASP A 58 10.98 -15.83 -14.94
N GLN A 59 11.62 -16.99 -15.04
CA GLN A 59 12.18 -17.48 -16.29
C GLN A 59 11.07 -17.61 -17.32
N GLN A 60 11.29 -17.07 -18.52
CA GLN A 60 10.34 -17.19 -19.61
C GLN A 60 10.82 -18.20 -20.64
N TRP A 61 9.88 -19.01 -21.15
CA TRP A 61 10.13 -19.90 -22.26
C TRP A 61 9.13 -19.60 -23.38
N LEU A 62 9.62 -19.36 -24.60
CA LEU A 62 8.77 -19.03 -25.73
C LEU A 62 7.84 -20.21 -26.05
N THR A 63 6.53 -19.99 -25.96
CA THR A 63 5.54 -21.06 -26.15
C THR A 63 4.56 -20.79 -27.29
N ARG A 64 4.78 -19.73 -28.07
CA ARG A 64 3.94 -19.43 -29.23
C ARG A 64 4.36 -20.31 -30.40
N PRO A 65 3.42 -21.09 -30.98
CA PRO A 65 3.77 -21.99 -32.09
C PRO A 65 4.42 -21.26 -33.26
N ARG A 66 3.84 -20.13 -33.66
CA ARG A 66 4.34 -19.33 -34.78
C ARG A 66 4.33 -17.84 -34.46
N SER A 67 5.51 -17.24 -34.45
CA SER A 67 5.69 -15.81 -34.21
C SER A 67 6.28 -15.17 -35.46
N GLU A 68 5.56 -14.23 -36.06
CA GLU A 68 6.03 -13.57 -37.27
C GLU A 68 5.87 -12.06 -37.17
N GLY A 69 6.85 -11.34 -37.71
CA GLY A 69 6.82 -9.87 -37.72
C GLY A 69 8.05 -9.29 -38.37
N VAL A 70 8.21 -7.98 -38.21
CA VAL A 70 9.39 -7.27 -38.69
C VAL A 70 9.97 -6.47 -37.52
N HIS A 71 11.19 -6.78 -37.11
CA HIS A 71 11.83 -6.14 -35.96
C HIS A 71 12.86 -5.10 -36.40
N VAL A 72 12.86 -3.96 -35.71
CA VAL A 72 13.84 -2.91 -35.96
C VAL A 72 14.65 -2.72 -34.69
N ASP A 73 15.93 -3.07 -34.75
CA ASP A 73 16.82 -2.98 -33.59
C ASP A 73 16.93 -1.53 -33.14
N GLU A 74 16.86 -1.32 -31.83
CA GLU A 74 16.78 0.04 -31.28
C GLU A 74 18.11 0.79 -31.24
N ASN A 75 19.21 0.10 -31.56
CA ASN A 75 20.52 0.71 -31.76
C ASN A 75 20.92 0.76 -33.23
N TRP A 76 20.61 -0.31 -33.96
CA TRP A 76 21.08 -0.51 -35.34
C TRP A 76 19.95 -0.36 -36.37
N TYR A 77 18.95 0.44 -36.05
CA TYR A 77 17.82 0.71 -36.96
C TYR A 77 18.24 1.31 -38.30
N GLU A 78 19.34 2.07 -38.33
CA GLU A 78 19.78 2.73 -39.56
C GLU A 78 20.24 1.73 -40.64
N PHE A 79 20.50 0.49 -40.23
CA PHE A 79 21.06 -0.52 -41.12
C PHE A 79 20.03 -1.50 -41.72
N GLY A 80 18.77 -1.35 -41.36
CA GLY A 80 17.71 -2.10 -42.01
C GLY A 80 16.83 -2.89 -41.06
N ASP A 81 15.94 -3.69 -41.63
CA ASP A 81 14.91 -4.38 -40.86
C ASP A 81 15.15 -5.89 -40.80
N LEU A 82 14.62 -6.53 -39.76
CA LEU A 82 14.75 -7.96 -39.58
C LEU A 82 13.40 -8.66 -39.62
N ALA A 83 13.04 -9.17 -40.79
CA ALA A 83 11.82 -9.97 -40.94
C ALA A 83 12.04 -11.31 -40.26
N TYR A 84 10.98 -11.88 -39.68
CA TYR A 84 11.10 -13.18 -39.04
C TYR A 84 9.80 -13.98 -39.08
N ASP A 85 9.97 -15.30 -39.11
CA ASP A 85 8.88 -16.26 -39.02
C ASP A 85 9.39 -17.43 -38.20
N ILE A 86 9.22 -17.34 -36.88
CA ILE A 86 9.89 -18.22 -35.93
C ILE A 86 8.91 -19.25 -35.36
N ARG A 87 9.25 -20.53 -35.51
CA ARG A 87 8.46 -21.63 -34.97
C ARG A 87 9.03 -22.14 -33.65
N ALA A 88 8.12 -22.41 -32.71
CA ALA A 88 8.49 -22.98 -31.42
C ALA A 88 8.01 -24.43 -31.32
N ASP A 89 8.78 -25.24 -30.62
CA ASP A 89 8.34 -26.58 -30.22
C ASP A 89 7.57 -26.41 -28.92
N THR A 90 6.26 -26.26 -29.03
CA THR A 90 5.40 -25.92 -27.92
C THR A 90 5.36 -27.04 -26.87
N ALA A 91 5.27 -28.28 -27.33
CA ALA A 91 5.28 -29.43 -26.44
C ALA A 91 6.54 -29.47 -25.55
N LEU A 92 7.70 -29.20 -26.14
CA LEU A 92 8.97 -29.23 -25.37
C LEU A 92 9.16 -27.98 -24.50
N ALA A 93 8.84 -26.80 -25.03
CA ALA A 93 8.97 -25.55 -24.28
C ALA A 93 8.05 -25.57 -23.04
N GLU A 94 6.84 -26.08 -23.23
CA GLU A 94 5.88 -26.20 -22.15
C GLU A 94 6.35 -27.20 -21.06
N ALA A 95 7.09 -28.24 -21.46
CA ALA A 95 7.67 -29.19 -20.51
C ALA A 95 8.82 -28.57 -19.71
N CYS A 96 9.55 -27.64 -20.35
CA CYS A 96 10.61 -26.89 -19.66
C CYS A 96 10.03 -25.92 -18.64
N VAL A 97 8.93 -25.26 -19.00
CA VAL A 97 8.19 -24.39 -18.07
C VAL A 97 7.80 -25.19 -16.83
N THR A 98 7.25 -26.38 -17.04
CA THR A 98 6.82 -27.25 -15.94
C THR A 98 8.00 -27.78 -15.13
N SER A 99 9.07 -28.20 -15.80
CA SER A 99 10.22 -28.78 -15.11
C SER A 99 11.03 -27.78 -14.27
N SER A 100 11.01 -26.50 -14.68
CA SER A 100 11.83 -25.45 -14.06
C SER A 100 11.66 -25.30 -12.54
N PRO A 101 10.42 -25.25 -12.02
CA PRO A 101 10.27 -25.13 -10.56
C PRO A 101 10.79 -26.34 -9.78
N LEU A 102 10.72 -27.54 -10.36
CA LEU A 102 11.29 -28.74 -9.73
C LEU A 102 12.82 -28.64 -9.63
N HIS A 103 13.42 -27.74 -10.41
CA HIS A 103 14.85 -27.43 -10.30
C HIS A 103 15.09 -26.06 -9.66
N GLY A 104 14.08 -25.54 -8.97
CA GLY A 104 14.24 -24.34 -8.15
C GLY A 104 14.13 -23.01 -8.87
N VAL A 105 13.52 -23.01 -10.06
CA VAL A 105 13.37 -21.77 -10.85
C VAL A 105 11.93 -21.57 -11.28
N HIS A 106 11.28 -20.54 -10.75
CA HIS A 106 9.91 -20.22 -11.17
C HIS A 106 9.91 -19.79 -12.64
N ALA A 107 8.96 -20.32 -13.41
CA ALA A 107 8.94 -20.12 -14.86
C ALA A 107 7.53 -20.01 -15.42
N ARG A 108 7.41 -19.28 -16.53
CA ARG A 108 6.16 -19.15 -17.28
C ARG A 108 6.44 -19.32 -18.77
N GLY A 109 5.40 -19.65 -19.52
CA GLY A 109 5.44 -19.57 -20.98
C GLY A 109 5.04 -18.17 -21.44
N VAL A 110 5.47 -17.79 -22.64
CA VAL A 110 5.05 -16.53 -23.24
C VAL A 110 4.53 -16.78 -24.66
N ASN A 111 3.21 -16.60 -24.83
CA ASN A 111 2.52 -16.85 -26.08
C ASN A 111 1.58 -15.68 -26.36
N TYR A 112 2.14 -14.61 -26.91
CA TYR A 112 1.39 -13.40 -27.21
C TYR A 112 1.70 -12.92 -28.61
N ASP A 113 0.66 -12.56 -29.36
CA ASP A 113 0.84 -11.93 -30.63
C ASP A 113 1.57 -10.60 -30.43
N GLY A 114 2.65 -10.40 -31.18
CA GLY A 114 3.44 -9.17 -31.10
C GLY A 114 4.43 -9.12 -29.95
N PHE A 115 4.68 -10.26 -29.29
CA PHE A 115 5.68 -10.31 -28.23
C PHE A 115 7.07 -9.98 -28.82
N PRO A 116 7.81 -9.08 -28.17
CA PRO A 116 9.07 -8.63 -28.74
C PRO A 116 10.21 -9.64 -28.64
N ILE A 117 10.27 -10.57 -29.60
CA ILE A 117 11.42 -11.46 -29.72
C ILE A 117 12.66 -10.61 -29.97
N ASP A 118 13.77 -10.96 -29.32
CA ASP A 118 14.99 -10.16 -29.37
C ASP A 118 15.74 -10.26 -30.70
N THR A 119 16.59 -9.27 -30.96
CA THR A 119 17.41 -9.21 -32.17
C THR A 119 18.27 -10.46 -32.38
N GLY A 120 18.86 -10.97 -31.29
CA GLY A 120 19.76 -12.11 -31.36
C GLY A 120 19.09 -13.37 -31.86
N THR A 121 17.96 -13.72 -31.26
CA THR A 121 17.17 -14.87 -31.69
C THR A 121 16.76 -14.74 -33.15
N ILE A 122 16.37 -13.53 -33.55
CA ILE A 122 15.89 -13.29 -34.91
C ILE A 122 17.01 -13.46 -35.93
N THR A 123 18.17 -12.85 -35.68
CA THR A 123 19.27 -12.90 -36.63
C THR A 123 19.86 -14.30 -36.73
N ALA A 124 19.94 -15.00 -35.60
CA ALA A 124 20.39 -16.40 -35.58
C ALA A 124 19.48 -17.29 -36.45
N CYS A 125 18.17 -17.14 -36.26
CA CYS A 125 17.19 -17.90 -37.06
C CYS A 125 17.39 -17.67 -38.57
N THR A 126 17.51 -16.40 -38.96
CA THR A 126 17.67 -16.02 -40.37
C THR A 126 18.96 -16.56 -40.99
N LEU A 127 20.09 -16.32 -40.33
CA LEU A 127 21.38 -16.74 -40.87
C LEU A 127 21.59 -18.26 -40.81
N MET A 128 21.14 -18.88 -39.72
CA MET A 128 21.33 -20.33 -39.52
C MET A 128 20.22 -21.17 -40.13
N GLY A 129 19.16 -20.54 -40.59
CA GLY A 129 18.00 -21.28 -41.10
C GLY A 129 17.33 -22.16 -40.04
N ILE A 130 17.29 -21.69 -38.80
CA ILE A 130 16.57 -22.40 -37.74
C ILE A 130 15.32 -21.63 -37.32
N GLY A 131 14.56 -22.21 -36.41
CA GLY A 131 13.25 -21.69 -36.06
C GLY A 131 12.24 -21.93 -37.16
N THR A 132 12.48 -22.95 -37.99
CA THR A 132 11.54 -23.33 -39.04
C THR A 132 10.65 -24.46 -38.51
N ASP A 133 9.71 -24.92 -39.32
CA ASP A 133 8.87 -26.06 -38.94
C ASP A 133 9.70 -27.34 -38.75
N ALA A 134 10.80 -27.46 -39.50
CA ALA A 134 11.73 -28.60 -39.38
C ALA A 134 12.68 -28.48 -38.18
N PHE A 135 13.15 -27.26 -37.89
CA PHE A 135 14.04 -27.01 -36.76
C PHE A 135 13.42 -25.98 -35.82
N PRO A 136 12.28 -26.33 -35.18
CA PRO A 136 11.63 -25.38 -34.30
C PRO A 136 12.47 -25.09 -33.05
N LEU A 137 12.16 -23.99 -32.37
CA LEU A 137 12.96 -23.54 -31.24
C LEU A 137 12.34 -23.86 -29.89
N VAL A 138 13.19 -24.12 -28.90
CA VAL A 138 12.84 -23.96 -27.50
C VAL A 138 13.77 -22.87 -26.97
N VAL A 139 13.20 -21.66 -26.82
CA VAL A 139 13.93 -20.50 -26.34
C VAL A 139 13.71 -20.27 -24.85
N GLY A 140 14.79 -20.29 -24.07
CA GLY A 140 14.75 -19.93 -22.66
C GLY A 140 15.36 -18.55 -22.46
N SER A 141 14.72 -17.73 -21.62
CA SER A 141 15.15 -16.34 -21.42
C SER A 141 16.47 -16.19 -20.66
N ASN A 142 17.12 -15.06 -20.87
CA ASN A 142 18.21 -14.59 -20.01
C ASN A 142 17.62 -13.81 -18.85
N ASN A 143 17.42 -14.48 -17.72
CA ASN A 143 16.95 -13.81 -16.51
C ASN A 143 18.13 -13.11 -15.85
N LEU A 144 18.07 -11.79 -15.76
CA LEU A 144 19.18 -10.97 -15.27
C LEU A 144 19.68 -11.37 -13.88
N TYR A 145 18.81 -11.99 -13.08
CA TYR A 145 19.17 -12.47 -11.74
C TYR A 145 19.76 -13.88 -11.73
N HIS A 146 19.81 -14.56 -12.88
CA HIS A 146 20.38 -15.90 -12.93
C HIS A 146 21.89 -15.85 -13.15
N SER A 147 22.61 -16.63 -12.35
CA SER A 147 24.04 -16.83 -12.54
C SER A 147 24.31 -17.81 -13.68
N GLY A 148 25.58 -17.98 -14.01
CA GLY A 148 26.00 -18.98 -14.99
C GLY A 148 25.62 -20.38 -14.58
N GLU A 149 25.80 -20.68 -13.29
CA GLU A 149 25.48 -21.99 -12.73
C GLU A 149 24.00 -22.34 -12.92
N ILE A 150 23.12 -21.37 -12.68
CA ILE A 150 21.68 -21.57 -12.85
C ILE A 150 21.31 -21.71 -14.34
N THR A 151 22.00 -20.95 -15.20
CA THR A 151 21.82 -21.04 -16.64
C THR A 151 22.17 -22.43 -17.15
N GLU A 152 23.25 -23.00 -16.62
CA GLU A 152 23.63 -24.39 -16.90
C GLU A 152 22.52 -25.34 -16.48
N LYS A 153 21.90 -25.08 -15.32
CA LYS A 153 20.84 -25.92 -14.78
C LYS A 153 19.61 -25.92 -15.69
N LEU A 154 19.23 -24.75 -16.20
CA LEU A 154 18.14 -24.61 -17.18
C LEU A 154 18.42 -25.39 -18.46
N ALA A 155 19.65 -25.29 -18.96
CA ALA A 155 20.04 -25.96 -20.20
C ALA A 155 19.95 -27.49 -20.07
N ALA A 156 20.50 -28.03 -18.99
CA ALA A 156 20.48 -29.49 -18.75
C ALA A 156 19.05 -29.98 -18.56
N LEU A 157 18.33 -29.28 -17.69
CA LEU A 157 16.87 -29.44 -17.51
C LEU A 157 16.09 -29.54 -18.83
N ALA A 158 16.43 -28.68 -19.79
CA ALA A 158 15.78 -28.68 -21.10
C ALA A 158 16.20 -29.87 -21.96
N VAL A 159 17.48 -30.23 -21.89
CA VAL A 159 17.99 -31.42 -22.59
C VAL A 159 17.32 -32.70 -22.08
N ASP A 160 17.07 -32.77 -20.78
CA ASP A 160 16.38 -33.94 -20.18
C ASP A 160 14.96 -34.06 -20.72
N CYS A 161 14.26 -32.92 -20.77
CA CYS A 161 12.89 -32.88 -21.29
C CYS A 161 12.87 -33.36 -22.74
N ALA A 162 13.91 -33.01 -23.51
CA ALA A 162 14.03 -33.46 -24.89
C ALA A 162 14.23 -34.98 -24.95
N LYS A 163 15.07 -35.51 -24.07
CA LYS A 163 15.29 -36.95 -23.97
C LYS A 163 13.97 -37.69 -23.65
N ASP A 164 13.17 -37.12 -22.76
CA ASP A 164 11.84 -37.67 -22.46
C ASP A 164 10.92 -37.70 -23.69
N GLN A 165 11.02 -36.67 -24.53
CA GLN A 165 10.18 -36.58 -25.74
C GLN A 165 10.82 -37.20 -26.99
N ASN A 166 11.93 -37.91 -26.81
CA ASN A 166 12.66 -38.58 -27.89
C ASN A 166 13.02 -37.64 -29.06
N LYS A 167 13.60 -36.49 -28.71
CA LYS A 167 13.98 -35.48 -29.68
C LYS A 167 15.48 -35.19 -29.63
N ARG A 168 16.13 -35.26 -30.77
CA ARG A 168 17.54 -34.86 -30.90
C ARG A 168 17.64 -33.34 -30.77
N VAL A 169 18.64 -32.88 -30.03
CA VAL A 169 18.78 -31.45 -29.74
C VAL A 169 20.06 -30.85 -30.32
N ALA A 170 19.91 -29.77 -31.06
CA ALA A 170 21.01 -28.87 -31.39
C ALA A 170 20.92 -27.72 -30.40
N VAL A 171 22.03 -27.41 -29.73
CA VAL A 171 22.07 -26.33 -28.76
C VAL A 171 22.75 -25.11 -29.38
N VAL A 172 22.09 -23.95 -29.30
CA VAL A 172 22.64 -22.70 -29.82
C VAL A 172 22.61 -21.59 -28.77
N GLY A 173 23.79 -21.09 -28.41
CA GLY A 173 23.92 -19.93 -27.52
C GLY A 173 24.15 -18.67 -28.34
N VAL A 174 23.35 -17.64 -28.09
CA VAL A 174 23.40 -16.42 -28.91
C VAL A 174 23.84 -15.21 -28.09
N GLY A 175 25.01 -14.69 -28.42
CA GLY A 175 25.57 -13.53 -27.73
C GLY A 175 26.96 -13.20 -28.23
N GLY A 176 27.45 -12.02 -27.83
CA GLY A 176 28.76 -11.53 -28.28
C GLY A 176 29.89 -11.96 -27.36
N LEU A 177 31.08 -11.48 -27.66
CA LEU A 177 32.24 -11.65 -26.78
C LEU A 177 32.45 -10.32 -26.08
N SER A 178 33.63 -9.70 -26.21
CA SER A 178 33.91 -8.42 -25.55
C SER A 178 32.83 -7.38 -25.92
N GLY A 179 32.44 -6.56 -24.96
CA GLY A 179 31.33 -5.61 -25.14
C GLY A 179 31.69 -4.14 -25.04
N SER A 180 32.88 -3.77 -25.51
CA SER A 180 33.25 -2.35 -25.53
C SER A 180 32.78 -1.69 -26.83
N LEU A 181 31.46 -1.48 -26.93
CA LEU A 181 30.89 -0.86 -28.13
C LEU A 181 31.37 0.58 -28.26
N PHE A 182 31.66 1.00 -29.49
CA PHE A 182 32.04 2.39 -29.72
C PHE A 182 30.91 3.31 -29.28
N ARG A 183 31.28 4.44 -28.68
CA ARG A 183 30.32 5.41 -28.16
C ARG A 183 30.27 6.66 -29.04
N GLU A 184 30.80 6.54 -30.26
CA GLU A 184 30.61 7.54 -31.31
C GLU A 184 30.42 6.81 -32.63
N GLU A 185 29.88 7.50 -33.62
CA GLU A 185 29.63 6.89 -34.94
C GLU A 185 30.93 6.71 -35.70
N ILE A 186 31.15 5.50 -36.23
CA ILE A 186 32.32 5.23 -37.07
C ILE A 186 31.88 4.88 -38.48
N ASP A 187 32.85 4.86 -39.40
CA ASP A 187 32.65 4.31 -40.72
C ASP A 187 32.65 2.79 -40.55
N PRO A 188 31.52 2.13 -40.88
CA PRO A 188 31.42 0.67 -40.71
C PRO A 188 32.56 -0.12 -41.34
N ARG A 189 33.12 0.40 -42.43
CA ARG A 189 34.24 -0.25 -43.13
C ARG A 189 35.53 -0.23 -42.29
N GLU A 190 35.60 0.71 -41.35
CA GLU A 190 36.75 0.84 -40.46
C GLU A 190 36.50 0.23 -39.07
N ASP A 191 35.45 -0.58 -38.94
CA ASP A 191 35.14 -1.26 -37.69
C ASP A 191 36.30 -2.19 -37.27
N ARG A 192 36.57 -2.22 -35.97
CA ARG A 192 37.63 -3.06 -35.41
C ARG A 192 37.29 -3.31 -33.95
N ILE A 193 37.95 -4.30 -33.34
CA ILE A 193 37.77 -4.52 -31.91
C ILE A 193 38.19 -3.23 -31.20
N ALA A 194 37.39 -2.78 -30.24
CA ALA A 194 37.55 -1.45 -29.63
C ALA A 194 38.95 -1.22 -29.11
N ASN A 195 39.49 -2.21 -28.41
CA ASN A 195 40.82 -2.08 -27.83
C ASN A 195 41.57 -3.40 -27.83
N GLU A 196 42.90 -3.29 -27.75
CA GLU A 196 43.80 -4.43 -27.81
C GLU A 196 43.56 -5.43 -26.67
N GLU A 197 43.28 -4.91 -25.47
CA GLU A 197 43.04 -5.78 -24.30
C GLU A 197 41.82 -6.68 -24.52
N ASP A 198 40.75 -6.13 -25.10
CA ASP A 198 39.58 -6.92 -25.48
C ASP A 198 39.92 -7.98 -26.52
N ASP A 199 40.75 -7.62 -27.49
CA ASP A 199 41.15 -8.55 -28.56
C ASP A 199 41.96 -9.71 -28.01
N LYS A 200 42.93 -9.40 -27.16
CA LYS A 200 43.76 -10.43 -26.54
C LYS A 200 42.92 -11.38 -25.70
N TRP A 201 41.97 -10.83 -24.95
CA TRP A 201 41.09 -11.64 -24.13
C TRP A 201 40.21 -12.55 -24.99
N ASN A 202 39.61 -11.99 -26.04
CA ASN A 202 38.83 -12.79 -26.99
C ASN A 202 39.66 -13.95 -27.56
N ARG A 203 40.83 -13.64 -28.12
CA ARG A 203 41.68 -14.64 -28.75
C ARG A 203 42.14 -15.70 -27.74
N ARG A 204 42.43 -15.26 -26.52
CA ARG A 204 42.87 -16.15 -25.46
C ARG A 204 41.80 -17.20 -25.15
N VAL A 205 40.57 -16.75 -24.90
CA VAL A 205 39.47 -17.68 -24.58
C VAL A 205 38.99 -18.49 -25.79
N LEU A 206 38.98 -17.87 -26.98
CA LEU A 206 38.69 -18.61 -28.22
C LEU A 206 39.60 -19.83 -28.40
N LYS A 207 40.87 -19.70 -28.01
CA LYS A 207 41.84 -20.81 -28.12
C LYS A 207 41.61 -21.88 -27.06
N LEU A 208 41.25 -21.47 -25.85
CA LEU A 208 40.82 -22.39 -24.80
C LEU A 208 39.64 -23.25 -25.28
N ILE A 209 38.72 -22.63 -26.00
CA ILE A 209 37.55 -23.32 -26.54
C ILE A 209 37.93 -24.25 -27.69
N GLU A 210 38.78 -23.79 -28.59
CA GLU A 210 39.30 -24.66 -29.66
C GLU A 210 39.90 -25.94 -29.09
N ALA A 211 40.76 -25.80 -28.09
CA ALA A 211 41.46 -26.93 -27.46
C ALA A 211 40.55 -27.83 -26.60
N GLY A 212 39.35 -27.36 -26.28
CA GLY A 212 38.46 -28.12 -25.40
C GLY A 212 38.94 -28.15 -23.97
N ASP A 213 39.58 -27.07 -23.54
CA ASP A 213 40.16 -26.96 -22.21
C ASP A 213 39.09 -26.41 -21.25
N VAL A 214 38.13 -27.25 -20.89
CA VAL A 214 36.99 -26.82 -20.09
C VAL A 214 37.41 -26.34 -18.71
N SER A 215 38.40 -27.01 -18.13
CA SER A 215 38.93 -26.65 -16.81
C SER A 215 39.47 -25.22 -16.80
N ALA A 216 40.38 -24.93 -17.73
CA ALA A 216 40.99 -23.59 -17.84
C ALA A 216 39.97 -22.54 -18.28
N LEU A 217 39.07 -22.94 -19.18
CA LEU A 217 37.99 -22.07 -19.65
C LEU A 217 37.10 -21.63 -18.49
N ARG A 218 36.73 -22.58 -17.65
CA ARG A 218 35.85 -22.34 -16.51
C ARG A 218 36.41 -21.26 -15.57
N GLU A 219 37.71 -21.32 -15.27
CA GLU A 219 38.33 -20.33 -14.36
C GLU A 219 38.63 -18.99 -15.03
N ALA A 220 38.81 -19.00 -16.35
CA ALA A 220 38.99 -17.79 -17.12
C ALA A 220 37.71 -16.96 -17.26
N MET A 221 36.57 -17.64 -17.40
CA MET A 221 35.31 -17.00 -17.77
C MET A 221 34.90 -15.79 -16.91
N PRO A 222 34.91 -15.92 -15.57
CA PRO A 222 34.49 -14.76 -14.76
C PRO A 222 35.43 -13.56 -14.88
N VAL A 223 36.74 -13.80 -14.99
CA VAL A 223 37.72 -12.72 -15.10
C VAL A 223 37.60 -12.06 -16.48
N TYR A 224 37.53 -12.88 -17.52
CA TYR A 224 37.24 -12.45 -18.90
C TYR A 224 36.00 -11.58 -19.00
N ALA A 225 34.89 -12.07 -18.45
CA ALA A 225 33.61 -11.36 -18.47
C ALA A 225 33.71 -9.96 -17.87
N LYS A 226 34.43 -9.86 -16.75
CA LYS A 226 34.61 -8.58 -16.07
C LYS A 226 35.52 -7.66 -16.89
N GLU A 227 36.72 -8.16 -17.21
CA GLU A 227 37.76 -7.32 -17.81
C GLU A 227 37.49 -6.93 -19.26
N ALA A 228 36.81 -7.79 -20.01
CA ALA A 228 36.49 -7.50 -21.41
C ALA A 228 35.03 -7.08 -21.63
N ARG A 229 34.31 -6.81 -20.55
CA ARG A 229 32.89 -6.45 -20.61
C ARG A 229 32.08 -7.44 -21.49
N VAL A 230 32.25 -8.74 -21.27
CA VAL A 230 31.62 -9.73 -22.13
C VAL A 230 30.08 -9.70 -22.04
N ASP A 231 29.43 -9.80 -23.20
CA ASP A 231 27.98 -9.80 -23.30
C ASP A 231 27.34 -10.66 -22.21
N MET A 232 26.76 -9.98 -21.23
CA MET A 232 25.88 -10.60 -20.25
C MET A 232 26.58 -11.71 -19.46
N GLY A 233 27.84 -11.48 -19.10
CA GLY A 233 28.63 -12.41 -18.29
C GLY A 233 28.96 -13.73 -18.97
N PHE A 234 28.81 -13.79 -20.30
CA PHE A 234 29.14 -14.99 -21.08
C PHE A 234 28.21 -16.17 -20.74
N LYS A 235 27.00 -15.86 -20.24
CA LYS A 235 26.04 -16.88 -19.81
C LYS A 235 25.51 -17.71 -20.98
N HIS A 236 25.62 -17.17 -22.19
CA HIS A 236 25.30 -17.94 -23.40
C HIS A 236 26.27 -19.10 -23.63
N LEU A 237 27.51 -18.99 -23.15
CA LEU A 237 28.43 -20.12 -23.16
C LEU A 237 28.04 -21.12 -22.06
N HIS A 238 27.71 -20.61 -20.88
CA HIS A 238 27.21 -21.45 -19.79
C HIS A 238 26.04 -22.32 -20.26
N TRP A 239 25.16 -21.73 -21.06
CA TRP A 239 24.05 -22.45 -21.67
C TRP A 239 24.55 -23.66 -22.48
N ILE A 240 25.59 -23.46 -23.28
CA ILE A 240 26.18 -24.55 -24.05
C ILE A 240 26.80 -25.58 -23.10
N LEU A 241 27.50 -25.11 -22.08
CA LEU A 241 28.18 -25.99 -21.14
C LEU A 241 27.20 -26.87 -20.38
N GLY A 242 26.12 -26.26 -19.89
CA GLY A 242 25.05 -26.99 -19.20
C GLY A 242 24.41 -28.07 -20.05
N ALA A 243 24.11 -27.73 -21.31
CA ALA A 243 23.53 -28.70 -22.25
C ALA A 243 24.50 -29.83 -22.53
N LEU A 244 25.80 -29.52 -22.56
CA LEU A 244 26.84 -30.52 -22.81
C LEU A 244 27.34 -31.22 -21.55
N LYS A 245 26.77 -30.85 -20.40
CA LYS A 245 27.17 -31.38 -19.09
C LYS A 245 28.67 -31.20 -18.83
N GLY A 246 29.15 -29.98 -19.07
CA GLY A 246 30.52 -29.58 -18.72
C GLY A 246 31.63 -30.31 -19.46
N LYS A 247 31.31 -30.84 -20.64
CA LYS A 247 32.25 -31.67 -21.39
C LYS A 247 32.12 -31.43 -22.89
N PHE A 248 33.23 -31.08 -23.52
CA PHE A 248 33.31 -31.10 -24.98
C PHE A 248 34.77 -31.28 -25.40
N SER A 249 34.98 -32.00 -26.50
CA SER A 249 36.30 -32.41 -26.94
C SER A 249 37.13 -31.27 -27.54
N GLY A 250 36.46 -30.34 -28.20
CA GLY A 250 37.13 -29.21 -28.84
C GLY A 250 36.14 -28.35 -29.60
N ALA A 251 36.65 -27.40 -30.37
CA ALA A 251 35.79 -26.48 -31.09
C ALA A 251 36.47 -25.97 -32.36
N ASN A 252 35.64 -25.44 -33.25
CA ASN A 252 36.09 -24.85 -34.50
C ASN A 252 35.54 -23.43 -34.58
N VAL A 253 36.42 -22.44 -34.48
CA VAL A 253 36.00 -21.05 -34.61
C VAL A 253 35.90 -20.71 -36.09
N LEU A 254 34.66 -20.61 -36.57
CA LEU A 254 34.36 -20.38 -37.98
C LEU A 254 34.51 -18.91 -38.34
N GLY A 255 34.50 -18.04 -37.33
CA GLY A 255 34.72 -16.61 -37.55
C GLY A 255 34.90 -15.84 -36.26
N TYR A 256 35.77 -14.83 -36.30
CA TYR A 256 35.97 -13.91 -35.19
C TYR A 256 36.24 -12.53 -35.74
N GLY A 257 35.42 -11.55 -35.33
CA GLY A 257 35.53 -10.21 -35.85
C GLY A 257 34.75 -9.18 -35.06
N PRO A 258 34.87 -7.90 -35.44
CA PRO A 258 34.25 -6.82 -34.69
C PRO A 258 32.79 -6.59 -35.02
N SER A 259 32.07 -5.95 -34.09
CA SER A 259 30.71 -5.48 -34.32
C SER A 259 30.54 -4.17 -33.56
N TYR A 260 30.86 -3.07 -34.24
CA TYR A 260 30.86 -1.73 -33.69
C TYR A 260 31.69 -1.64 -32.41
N GLY A 261 32.90 -2.22 -32.47
CA GLY A 261 33.83 -2.16 -31.36
C GLY A 261 33.78 -3.39 -30.46
N SER A 262 32.61 -4.02 -30.40
CA SER A 262 32.43 -5.22 -29.62
C SER A 262 33.03 -6.37 -30.38
N GLY A 263 33.23 -7.49 -29.70
CA GLY A 263 33.76 -8.70 -30.31
C GLY A 263 32.65 -9.70 -30.58
N ALA A 264 32.82 -10.50 -31.62
CA ALA A 264 31.82 -11.49 -32.01
C ALA A 264 32.48 -12.71 -32.64
N ALA A 265 31.92 -13.89 -32.39
CA ALA A 265 32.44 -15.11 -32.98
C ALA A 265 31.35 -16.15 -33.26
N VAL A 266 31.59 -16.96 -34.27
CA VAL A 266 30.80 -18.14 -34.55
C VAL A 266 31.67 -19.33 -34.21
N ILE A 267 31.17 -20.20 -33.34
CA ILE A 267 31.90 -21.38 -32.88
C ILE A 267 31.07 -22.65 -33.06
N GLU A 268 31.65 -23.62 -33.77
CA GLU A 268 31.09 -24.96 -33.89
C GLU A 268 31.80 -25.86 -32.88
N PHE A 269 31.03 -26.49 -32.00
CA PHE A 269 31.59 -27.33 -30.93
C PHE A 269 31.69 -28.80 -31.33
N ARG A 270 32.85 -29.40 -31.07
CA ARG A 270 33.03 -30.83 -31.27
C ARG A 270 32.74 -31.55 -29.95
N LEU A 271 31.65 -32.30 -29.93
CA LEU A 271 31.14 -32.85 -28.68
C LEU A 271 32.13 -33.85 -28.07
N MET B 1 8.40 35.81 -31.07
CA MET B 1 8.24 34.39 -30.62
C MET B 1 9.24 34.07 -29.51
N GLN B 2 8.73 33.56 -28.39
CA GLN B 2 9.56 33.03 -27.32
C GLN B 2 9.31 31.54 -27.14
N GLY B 3 10.37 30.80 -26.86
CA GLY B 3 10.25 29.39 -26.47
C GLY B 3 9.95 29.27 -24.99
N GLU B 4 9.24 28.21 -24.63
CA GLU B 4 8.77 28.05 -23.25
C GLU B 4 8.79 26.59 -22.80
N ILE B 5 9.28 26.37 -21.58
CA ILE B 5 9.09 25.11 -20.88
C ILE B 5 8.00 25.35 -19.85
N ILE B 6 6.77 25.00 -20.21
CA ILE B 6 5.60 25.24 -19.37
C ILE B 6 5.75 24.56 -18.02
N ALA B 7 6.16 23.30 -18.05
CA ALA B 7 6.35 22.52 -16.83
C ALA B 7 7.16 21.24 -17.08
N GLY B 8 7.57 20.63 -15.97
CA GLY B 8 8.23 19.32 -16.01
C GLY B 8 7.47 18.35 -15.12
N PHE B 9 7.22 17.14 -15.63
CA PHE B 9 6.49 16.12 -14.89
C PHE B 9 7.38 14.92 -14.59
N LEU B 10 7.36 14.47 -13.34
CA LEU B 10 7.86 13.13 -13.01
C LEU B 10 6.73 12.18 -13.36
N ALA B 11 6.78 11.63 -14.57
CA ALA B 11 5.71 10.81 -15.11
C ALA B 11 6.16 9.36 -15.31
N PRO B 12 6.13 8.54 -14.24
CA PRO B 12 6.62 7.16 -14.33
C PRO B 12 5.74 6.29 -15.21
N HIS B 13 6.26 5.15 -15.64
CA HIS B 13 5.63 4.34 -16.70
C HIS B 13 5.24 2.91 -16.30
N PRO B 14 4.80 2.69 -15.05
CA PRO B 14 4.38 1.31 -14.76
C PRO B 14 3.12 0.94 -15.56
N PRO B 15 3.19 -0.11 -16.40
CA PRO B 15 2.12 -0.45 -17.32
C PRO B 15 0.83 -0.90 -16.63
N HIS B 16 0.92 -1.29 -15.37
CA HIS B 16 -0.25 -1.72 -14.59
C HIS B 16 -1.27 -0.59 -14.49
N LEU B 17 -0.80 0.66 -14.53
CA LEU B 17 -1.67 1.81 -14.43
C LEU B 17 -2.54 1.99 -15.67
N VAL B 18 -2.07 1.52 -16.83
CA VAL B 18 -2.90 1.56 -18.04
C VAL B 18 -3.81 0.31 -18.04
N TYR B 19 -3.26 -0.81 -17.60
CA TYR B 19 -4.03 -2.05 -17.43
C TYR B 19 -5.29 -1.82 -16.59
N GLY B 20 -5.11 -1.17 -15.43
CA GLY B 20 -6.22 -0.86 -14.54
C GLY B 20 -7.26 0.11 -15.10
N GLU B 21 -6.88 0.92 -16.08
CA GLU B 21 -7.81 1.86 -16.70
C GLU B 21 -8.69 1.22 -17.78
N ASN B 22 -8.20 0.14 -18.39
CA ASN B 22 -8.91 -0.53 -19.48
C ASN B 22 -9.30 0.43 -20.63
N PRO B 23 -8.31 1.13 -21.20
CA PRO B 23 -8.58 1.92 -22.41
C PRO B 23 -8.75 1.00 -23.63
N PRO B 24 -9.34 1.52 -24.72
CA PRO B 24 -9.58 0.72 -25.94
C PRO B 24 -8.29 0.19 -26.61
N GLN B 25 -7.21 0.96 -26.50
CA GLN B 25 -5.94 0.61 -27.12
C GLN B 25 -5.29 -0.63 -26.49
N ASN B 26 -5.58 -0.89 -25.23
CA ASN B 26 -4.99 -2.01 -24.52
C ASN B 26 -5.86 -3.25 -24.63
N GLU B 27 -5.25 -4.37 -25.04
CA GLU B 27 -5.97 -5.61 -25.29
C GLU B 27 -6.47 -6.32 -24.02
N PRO B 28 -5.56 -6.61 -23.07
CA PRO B 28 -6.01 -7.34 -21.89
C PRO B 28 -6.94 -6.51 -21.00
N ARG B 29 -7.84 -7.18 -20.29
CA ARG B 29 -8.81 -6.50 -19.43
C ARG B 29 -8.61 -6.86 -17.95
N SER B 30 -8.71 -5.83 -17.12
CA SER B 30 -8.49 -5.92 -15.69
C SER B 30 -9.80 -5.72 -14.97
N GLN B 31 -9.80 -6.04 -13.67
CA GLN B 31 -10.89 -5.67 -12.78
C GLN B 31 -10.49 -4.41 -11.99
N GLY B 32 -9.86 -3.45 -12.66
CA GLY B 32 -9.35 -2.23 -12.01
C GLY B 32 -7.96 -2.41 -11.44
N GLY B 33 -7.58 -1.54 -10.51
CA GLY B 33 -6.29 -1.65 -9.81
C GLY B 33 -5.53 -0.33 -9.75
N TRP B 34 -4.64 -0.23 -8.76
CA TRP B 34 -3.72 0.90 -8.62
C TRP B 34 -4.40 2.27 -8.77
N GLU B 35 -5.60 2.41 -8.23
CA GLU B 35 -6.37 3.63 -8.47
C GLU B 35 -5.83 4.86 -7.76
N VAL B 36 -5.05 4.67 -6.69
CA VAL B 36 -4.38 5.80 -6.04
C VAL B 36 -3.44 6.47 -7.04
N LEU B 37 -2.52 5.70 -7.60
CA LEU B 37 -1.59 6.20 -8.61
C LEU B 37 -2.32 6.69 -9.85
N ARG B 38 -3.44 6.02 -10.16
CA ARG B 38 -4.25 6.34 -11.33
C ARG B 38 -5.01 7.66 -11.13
N TRP B 39 -5.58 7.85 -9.94
CA TRP B 39 -6.17 9.14 -9.54
C TRP B 39 -5.14 10.25 -9.54
N ALA B 40 -3.90 9.92 -9.14
CA ALA B 40 -2.79 10.87 -9.20
C ALA B 40 -2.57 11.32 -10.63
N TYR B 41 -2.67 10.39 -11.58
CA TYR B 41 -2.50 10.73 -13.00
C TYR B 41 -3.68 11.51 -13.59
N GLU B 42 -4.88 11.34 -13.03
CA GLU B 42 -6.02 12.17 -13.46
C GLU B 42 -5.78 13.65 -13.09
N ARG B 43 -5.20 13.88 -11.92
CA ARG B 43 -4.74 15.22 -11.53
C ARG B 43 -3.69 15.74 -12.51
N ALA B 44 -2.73 14.89 -12.86
CA ALA B 44 -1.70 15.26 -13.82
C ALA B 44 -2.30 15.57 -15.20
N ARG B 45 -3.24 14.72 -15.63
CA ARG B 45 -3.90 14.88 -16.93
C ARG B 45 -4.58 16.25 -17.08
N GLU B 46 -5.34 16.67 -16.08
CA GLU B 46 -6.09 17.91 -16.19
C GLU B 46 -5.18 19.14 -16.12
N ARG B 47 -4.10 19.06 -15.34
CA ARG B 47 -3.08 20.12 -15.36
C ARG B 47 -2.45 20.28 -16.75
N LEU B 48 -2.12 19.16 -17.39
CA LEU B 48 -1.58 19.19 -18.76
C LEU B 48 -2.62 19.64 -19.77
N ASP B 49 -3.87 19.23 -19.57
CA ASP B 49 -4.97 19.63 -20.45
C ASP B 49 -5.08 21.15 -20.56
N ALA B 50 -4.89 21.84 -19.43
CA ALA B 50 -4.96 23.30 -19.38
C ALA B 50 -3.74 23.98 -20.02
N MET B 51 -2.59 23.31 -20.03
CA MET B 51 -1.35 23.88 -20.56
C MET B 51 -1.38 24.08 -22.08
N LYS B 52 -2.09 23.20 -22.78
CA LYS B 52 -2.17 23.22 -24.26
C LYS B 52 -0.82 23.42 -24.94
N PRO B 53 0.19 22.61 -24.57
CA PRO B 53 1.53 22.75 -25.13
C PRO B 53 1.59 22.33 -26.60
N ASP B 54 2.65 22.75 -27.28
CA ASP B 54 2.87 22.36 -28.67
C ASP B 54 3.46 20.97 -28.76
N VAL B 55 4.23 20.58 -27.75
CA VAL B 55 5.04 19.36 -27.82
C VAL B 55 5.28 18.75 -26.43
N LEU B 56 5.27 17.42 -26.37
CA LEU B 56 5.66 16.68 -25.18
C LEU B 56 7.01 16.01 -25.44
N LEU B 57 8.02 16.30 -24.62
CA LEU B 57 9.31 15.63 -24.74
C LEU B 57 9.45 14.59 -23.63
N VAL B 58 9.84 13.38 -24.00
CA VAL B 58 9.93 12.26 -23.06
C VAL B 58 11.27 11.51 -23.16
N HIS B 59 11.82 11.16 -22.00
CA HIS B 59 13.10 10.46 -21.89
C HIS B 59 12.84 9.11 -21.22
N SER B 60 12.98 8.03 -21.98
CA SER B 60 12.59 6.69 -21.52
C SER B 60 13.76 5.75 -21.22
N PRO B 61 13.76 5.11 -20.04
CA PRO B 61 14.79 4.13 -19.72
C PRO B 61 14.75 2.86 -20.58
N HIS B 62 13.67 2.65 -21.33
CA HIS B 62 13.48 1.40 -22.07
C HIS B 62 13.73 1.52 -23.58
N TRP B 63 14.33 2.64 -23.98
CA TRP B 63 15.02 2.76 -25.26
C TRP B 63 16.49 3.02 -24.92
N ILE B 64 17.29 1.96 -24.90
CA ILE B 64 18.68 2.03 -24.44
C ILE B 64 19.64 2.07 -25.61
N THR B 65 20.41 3.14 -25.70
CA THR B 65 21.37 3.34 -26.79
C THR B 65 22.80 3.45 -26.26
N SER B 66 23.74 2.84 -26.97
CA SER B 66 25.17 2.91 -26.65
C SER B 66 25.86 4.10 -27.33
N VAL B 67 25.58 4.28 -28.62
CA VAL B 67 26.23 5.33 -29.41
C VAL B 67 25.48 6.66 -29.25
N GLY B 68 25.70 7.33 -28.12
CA GLY B 68 25.10 8.65 -27.89
C GLY B 68 23.61 8.62 -27.60
N HIS B 69 22.97 9.76 -27.85
CA HIS B 69 21.57 10.00 -27.49
C HIS B 69 20.73 10.14 -28.76
N HIS B 70 19.66 9.35 -28.85
CA HIS B 70 18.87 9.26 -30.09
C HIS B 70 17.53 9.96 -29.96
N PHE B 71 17.00 10.42 -31.10
CA PHE B 71 15.74 11.13 -31.16
C PHE B 71 14.89 10.54 -32.27
N LEU B 72 13.62 10.25 -31.96
CA LEU B 72 12.64 9.88 -32.98
C LEU B 72 12.63 10.95 -34.08
N GLY B 73 12.86 10.53 -35.32
CA GLY B 73 12.99 11.47 -36.45
C GLY B 73 12.10 11.14 -37.64
N VAL B 74 11.05 10.36 -37.40
CA VAL B 74 10.04 10.06 -38.42
C VAL B 74 8.76 10.75 -37.98
N PRO B 75 8.02 11.37 -38.93
CA PRO B 75 6.83 12.16 -38.55
C PRO B 75 5.71 11.35 -37.91
N GLU B 76 5.35 10.23 -38.53
CA GLU B 76 4.32 9.33 -38.00
C GLU B 76 4.95 8.00 -37.60
N LEU B 77 4.71 7.57 -36.36
CA LEU B 77 5.10 6.23 -35.91
C LEU B 77 3.90 5.52 -35.28
N SER B 78 3.85 4.20 -35.43
CA SER B 78 2.75 3.41 -34.85
C SER B 78 3.19 1.97 -34.58
N GLY B 79 2.37 1.23 -33.85
CA GLY B 79 2.63 -0.20 -33.64
C GLY B 79 1.85 -0.83 -32.50
N LYS B 80 2.23 -2.06 -32.20
CA LYS B 80 1.64 -2.81 -31.09
C LYS B 80 2.72 -3.01 -30.03
N SER B 81 2.62 -2.27 -28.93
CA SER B 81 3.63 -2.32 -27.87
C SER B 81 3.24 -3.38 -26.85
N VAL B 82 3.98 -4.47 -26.85
CA VAL B 82 3.79 -5.57 -25.90
C VAL B 82 4.95 -5.58 -24.90
N ASP B 83 4.62 -5.48 -23.63
CA ASP B 83 5.63 -5.44 -22.56
C ASP B 83 6.30 -6.80 -22.41
N PRO B 84 7.64 -6.84 -22.45
CA PRO B 84 8.38 -8.12 -22.38
C PRO B 84 8.28 -8.83 -21.03
N ILE B 85 8.03 -8.08 -19.97
CA ILE B 85 7.98 -8.62 -18.61
C ILE B 85 6.55 -8.79 -18.12
N PHE B 86 5.66 -7.88 -18.49
CA PHE B 86 4.24 -7.97 -18.14
C PHE B 86 3.34 -8.01 -19.38
N PRO B 87 3.52 -9.02 -20.25
CA PRO B 87 2.72 -9.13 -21.47
C PRO B 87 1.24 -9.42 -21.21
N ASN B 88 0.94 -10.01 -20.05
CA ASN B 88 -0.43 -10.23 -19.61
C ASN B 88 -1.16 -8.96 -19.17
N VAL B 89 -0.45 -7.84 -18.99
CA VAL B 89 -1.07 -6.57 -18.60
C VAL B 89 -0.96 -5.45 -19.64
N PHE B 90 -0.02 -5.55 -20.57
CA PHE B 90 0.21 -4.46 -21.52
C PHE B 90 0.48 -4.93 -22.96
N ARG B 91 -0.56 -4.86 -23.78
CA ARG B 91 -0.43 -5.06 -25.23
C ARG B 91 -1.23 -3.95 -25.90
N TYR B 92 -0.52 -2.87 -26.24
CA TYR B 92 -1.11 -1.58 -26.53
C TYR B 92 -0.89 -1.16 -27.99
N ASP B 93 -1.98 -0.99 -28.73
CA ASP B 93 -1.91 -0.47 -30.10
C ASP B 93 -1.87 1.04 -30.06
N PHE B 94 -0.84 1.63 -30.67
CA PHE B 94 -0.65 3.07 -30.63
C PHE B 94 -0.40 3.65 -32.00
N SER B 95 -0.54 4.97 -32.08
CA SER B 95 -0.26 5.74 -33.28
C SER B 95 0.00 7.17 -32.83
N LEU B 96 1.22 7.65 -33.04
CA LEU B 96 1.63 8.97 -32.54
C LEU B 96 2.33 9.82 -33.58
N ASN B 97 2.46 11.12 -33.28
CA ASN B 97 3.08 12.08 -34.17
C ASN B 97 4.31 12.69 -33.52
N VAL B 98 5.39 12.77 -34.29
CA VAL B 98 6.66 13.25 -33.78
C VAL B 98 6.92 14.67 -34.27
N ASP B 99 7.34 15.54 -33.35
CA ASP B 99 7.77 16.88 -33.70
C ASP B 99 9.22 16.80 -34.19
N VAL B 100 9.37 16.39 -35.45
CA VAL B 100 10.68 16.14 -36.03
C VAL B 100 11.59 17.37 -36.01
N GLU B 101 11.01 18.55 -36.20
CA GLU B 101 11.78 19.80 -36.28
C GLU B 101 12.50 20.07 -34.98
N LEU B 102 11.77 20.01 -33.86
CA LEU B 102 12.36 20.19 -32.54
C LEU B 102 13.32 19.04 -32.18
N ALA B 103 12.94 17.82 -32.54
CA ALA B 103 13.77 16.64 -32.31
C ALA B 103 15.13 16.80 -32.98
N GLU B 104 15.12 17.38 -34.19
CA GLU B 104 16.35 17.65 -34.91
C GLU B 104 17.12 18.80 -34.27
N ALA B 105 16.39 19.80 -33.77
CA ALA B 105 17.00 20.90 -33.02
C ALA B 105 17.72 20.37 -31.78
N CYS B 106 17.06 19.49 -31.04
CA CYS B 106 17.66 18.87 -29.86
C CYS B 106 18.95 18.13 -30.22
N ALA B 107 18.88 17.28 -31.25
CA ALA B 107 20.04 16.52 -31.70
C ALA B 107 21.17 17.45 -32.10
N GLU B 108 20.81 18.51 -32.81
CA GLU B 108 21.77 19.53 -33.25
C GLU B 108 22.51 20.18 -32.07
N GLU B 109 21.74 20.72 -31.12
CA GLU B 109 22.31 21.41 -29.97
C GLU B 109 23.13 20.46 -29.08
N GLY B 110 22.65 19.21 -28.97
CA GLY B 110 23.39 18.18 -28.24
C GLY B 110 24.77 17.93 -28.83
N ARG B 111 24.84 17.80 -30.15
CA ARG B 111 26.10 17.62 -30.86
C ARG B 111 27.05 18.81 -30.63
N LYS B 112 26.48 20.00 -30.76
CA LYS B 112 27.21 21.25 -30.60
C LYS B 112 27.80 21.38 -29.18
N ALA B 113 27.10 20.82 -28.19
CA ALA B 113 27.54 20.84 -26.80
C ALA B 113 28.52 19.71 -26.42
N GLY B 114 28.86 18.84 -27.36
CA GLY B 114 29.83 17.77 -27.13
C GLY B 114 29.26 16.37 -26.94
N LEU B 115 27.94 16.23 -27.00
CA LEU B 115 27.32 14.89 -26.98
C LEU B 115 27.32 14.31 -28.39
N VAL B 116 27.27 12.99 -28.50
CA VAL B 116 27.01 12.37 -29.79
C VAL B 116 25.51 12.10 -29.85
N THR B 117 24.88 12.54 -30.93
CA THR B 117 23.44 12.47 -31.09
C THR B 117 23.08 11.90 -32.45
N LYS B 118 21.92 11.23 -32.51
CA LYS B 118 21.46 10.59 -33.74
C LYS B 118 19.97 10.79 -33.92
N MET B 119 19.54 10.88 -35.19
CA MET B 119 18.12 10.91 -35.54
C MET B 119 17.68 9.53 -36.02
N MET B 120 16.55 9.06 -35.49
CA MET B 120 16.00 7.76 -35.83
C MET B 120 15.05 7.92 -37.02
N ARG B 121 15.47 7.44 -38.20
CA ARG B 121 14.73 7.67 -39.45
C ARG B 121 14.11 6.41 -40.06
N ASN B 122 14.14 5.31 -39.32
CA ASN B 122 13.50 4.07 -39.77
C ASN B 122 12.02 4.11 -39.38
N PRO B 123 11.13 4.17 -40.39
CA PRO B 123 9.70 4.29 -40.10
C PRO B 123 9.02 3.02 -39.59
N LYS B 124 9.73 1.90 -39.52
CA LYS B 124 9.16 0.68 -38.93
C LYS B 124 9.65 0.44 -37.49
N PHE B 125 10.40 1.39 -36.95
CA PHE B 125 10.80 1.39 -35.54
C PHE B 125 9.60 1.33 -34.60
N ARG B 126 9.64 0.41 -33.64
CA ARG B 126 8.61 0.27 -32.63
C ARG B 126 8.99 1.13 -31.42
N VAL B 127 8.20 2.16 -31.15
CA VAL B 127 8.44 3.04 -30.00
C VAL B 127 8.33 2.20 -28.71
N ASP B 128 9.24 2.46 -27.76
CA ASP B 128 9.37 1.60 -26.59
C ASP B 128 8.16 1.69 -25.66
N TYR B 129 7.89 0.59 -24.99
CA TYR B 129 6.73 0.43 -24.11
C TYR B 129 6.69 1.42 -22.94
N GLY B 130 7.85 1.88 -22.50
CA GLY B 130 7.94 2.90 -21.46
C GLY B 130 7.43 4.25 -21.93
N THR B 131 7.82 4.63 -23.15
CA THR B 131 7.38 5.87 -23.78
C THR B 131 5.86 5.87 -24.02
N ILE B 132 5.34 4.75 -24.55
CA ILE B 132 3.91 4.61 -24.84
C ILE B 132 3.05 4.65 -23.57
N THR B 133 3.57 4.12 -22.47
CA THR B 133 2.84 4.06 -21.19
C THR B 133 2.76 5.43 -20.52
N THR B 134 3.89 6.13 -20.43
CA THR B 134 3.92 7.48 -19.87
C THR B 134 3.03 8.44 -20.66
N LEU B 135 3.15 8.40 -21.98
CA LEU B 135 2.35 9.27 -22.86
C LEU B 135 0.85 9.03 -22.69
N HIS B 136 0.46 7.77 -22.58
CA HIS B 136 -0.94 7.41 -22.36
C HIS B 136 -1.41 7.90 -20.99
N LEU B 137 -0.58 7.66 -19.98
CA LEU B 137 -0.88 8.06 -18.60
C LEU B 137 -1.12 9.56 -18.45
N ILE B 138 -0.29 10.38 -19.09
CA ILE B 138 -0.42 11.83 -19.01
C ILE B 138 -1.36 12.41 -20.09
N ARG B 139 -1.50 11.70 -21.23
CA ARG B 139 -2.28 12.21 -22.36
C ARG B 139 -2.87 11.08 -23.20
N PRO B 140 -4.00 10.51 -22.76
CA PRO B 140 -4.63 9.40 -23.48
C PRO B 140 -5.24 9.77 -24.84
N GLN B 141 -5.43 11.06 -25.10
CA GLN B 141 -6.03 11.51 -26.36
C GLN B 141 -5.11 11.30 -27.57
N TRP B 142 -3.79 11.30 -27.32
CA TRP B 142 -2.78 11.17 -28.38
C TRP B 142 -2.89 12.29 -29.41
N ASP B 143 -3.10 13.52 -28.93
CA ASP B 143 -3.37 14.66 -29.79
C ASP B 143 -2.28 15.73 -29.75
N ILE B 144 -1.17 15.43 -29.07
CA ILE B 144 -0.04 16.35 -28.98
C ILE B 144 1.21 15.72 -29.58
N PRO B 145 1.91 16.45 -30.48
CA PRO B 145 3.18 15.96 -31.04
C PRO B 145 4.19 15.63 -29.94
N VAL B 146 4.95 14.56 -30.14
CA VAL B 146 5.91 14.12 -29.14
C VAL B 146 7.35 14.17 -29.66
N VAL B 147 8.29 14.24 -28.73
CA VAL B 147 9.70 14.05 -29.04
C VAL B 147 10.24 12.97 -28.12
N GLY B 148 10.49 11.79 -28.69
CA GLY B 148 11.02 10.66 -27.94
C GLY B 148 12.53 10.72 -27.90
N ILE B 149 13.10 10.63 -26.69
CA ILE B 149 14.54 10.67 -26.51
C ILE B 149 14.98 9.34 -25.89
N SER B 150 16.07 8.79 -26.41
CA SER B 150 16.66 7.56 -25.86
C SER B 150 17.45 7.86 -24.58
N ALA B 151 17.62 6.83 -23.75
CA ALA B 151 18.46 6.93 -22.57
C ALA B 151 19.81 6.30 -22.88
N ASN B 152 20.81 7.14 -23.16
CA ASN B 152 22.15 6.64 -23.41
C ASN B 152 22.70 5.82 -22.23
N ASN B 153 23.47 4.80 -22.59
CA ASN B 153 24.10 3.81 -21.70
C ASN B 153 24.96 4.35 -20.54
N SER B 154 25.45 5.58 -20.70
CA SER B 154 26.55 6.09 -19.88
C SER B 154 26.49 5.85 -18.37
N PRO B 155 25.32 6.05 -17.73
CA PRO B 155 25.27 5.83 -16.28
C PRO B 155 25.65 4.41 -15.84
N TYR B 156 25.39 3.43 -16.70
CA TYR B 156 25.65 2.03 -16.39
C TYR B 156 27.00 1.54 -16.92
N TYR B 157 27.32 1.94 -18.16
CA TYR B 157 28.53 1.49 -18.83
C TYR B 157 29.78 2.18 -18.26
N LEU B 158 29.67 3.46 -17.96
CA LEU B 158 30.77 4.20 -17.37
C LEU B 158 30.57 4.26 -15.84
N ASN B 159 29.78 5.21 -15.38
CA ASN B 159 29.40 5.30 -13.97
C ASN B 159 28.31 6.36 -13.81
N THR B 160 27.67 6.39 -12.66
CA THR B 160 26.55 7.29 -12.42
C THR B 160 26.90 8.75 -12.68
N LYS B 161 28.03 9.19 -12.12
CA LYS B 161 28.50 10.57 -12.26
C LYS B 161 28.66 10.98 -13.72
N GLU B 162 29.47 10.23 -14.47
CA GLU B 162 29.76 10.56 -15.87
C GLU B 162 28.50 10.54 -16.73
N GLY B 163 27.62 9.57 -16.47
CA GLY B 163 26.35 9.49 -17.19
C GLY B 163 25.44 10.67 -16.86
N MET B 164 25.38 11.02 -15.58
CA MET B 164 24.55 12.14 -15.13
C MET B 164 25.02 13.44 -15.79
N SER B 165 26.34 13.60 -15.86
CA SER B 165 26.95 14.74 -16.52
C SER B 165 26.55 14.85 -18.00
N GLU B 166 26.42 13.71 -18.68
CA GLU B 166 25.90 13.69 -20.05
C GLU B 166 24.44 14.09 -20.07
N MET B 167 23.66 13.59 -19.10
CA MET B 167 22.23 13.90 -19.04
C MET B 167 22.01 15.38 -18.78
N ASP B 168 22.84 15.97 -17.92
CA ASP B 168 22.82 17.41 -17.67
C ASP B 168 23.02 18.16 -18.99
N VAL B 169 24.06 17.79 -19.74
CA VAL B 169 24.37 18.42 -21.02
C VAL B 169 23.19 18.27 -22.00
N LEU B 170 22.60 17.08 -22.04
CA LEU B 170 21.42 16.82 -22.86
C LEU B 170 20.27 17.78 -22.52
N GLY B 171 20.04 17.96 -21.21
CA GLY B 171 18.98 18.83 -20.72
C GLY B 171 19.13 20.28 -21.16
N LYS B 172 20.31 20.85 -20.94
CA LYS B 172 20.57 22.23 -21.37
C LYS B 172 20.60 22.34 -22.88
N ALA B 173 20.95 21.24 -23.55
CA ALA B 173 20.81 21.15 -25.00
C ALA B 173 19.34 21.22 -25.41
N THR B 174 18.48 20.52 -24.66
CA THR B 174 17.05 20.50 -24.95
C THR B 174 16.42 21.87 -24.75
N ARG B 175 16.74 22.50 -23.61
CA ARG B 175 16.28 23.86 -23.32
C ARG B 175 16.61 24.81 -24.47
N GLU B 176 17.85 24.72 -24.95
CA GLU B 176 18.34 25.56 -26.03
C GLU B 176 17.61 25.26 -27.34
N ALA B 177 17.29 23.99 -27.58
CA ALA B 177 16.52 23.62 -28.78
C ALA B 177 15.10 24.16 -28.70
N ILE B 178 14.49 24.05 -27.53
CA ILE B 178 13.14 24.55 -27.30
C ILE B 178 13.08 26.06 -27.53
N ARG B 179 14.07 26.77 -26.99
CA ARG B 179 14.08 28.23 -27.05
C ARG B 179 14.39 28.75 -28.46
N LYS B 180 15.25 28.06 -29.20
CA LYS B 180 15.58 28.47 -30.58
C LYS B 180 14.42 28.24 -31.52
N THR B 181 13.64 27.19 -31.27
CA THR B 181 12.48 26.84 -32.08
C THR B 181 11.22 27.64 -31.70
N GLY B 182 11.18 28.13 -30.47
CA GLY B 182 10.01 28.85 -29.97
C GLY B 182 8.85 27.93 -29.60
N ARG B 183 9.16 26.67 -29.31
CA ARG B 183 8.14 25.71 -28.91
C ARG B 183 7.67 25.97 -27.47
N LYS B 184 6.39 25.70 -27.22
CA LYS B 184 5.82 25.74 -25.89
C LYS B 184 5.72 24.29 -25.42
N ALA B 185 6.71 23.86 -24.64
CA ALA B 185 6.94 22.44 -24.37
C ALA B 185 6.69 22.03 -22.92
N VAL B 186 6.25 20.78 -22.76
CA VAL B 186 6.18 20.14 -21.45
C VAL B 186 7.20 18.99 -21.43
N LEU B 187 7.90 18.83 -20.31
CA LEU B 187 8.88 17.76 -20.15
C LEU B 187 8.31 16.60 -19.35
N LEU B 188 8.66 15.37 -19.74
CA LEU B 188 8.18 14.16 -19.07
C LEU B 188 9.35 13.23 -18.72
N ALA B 189 9.76 13.22 -17.46
CA ALA B 189 10.80 12.31 -16.98
C ALA B 189 10.15 10.97 -16.64
N SER B 190 10.39 9.96 -17.47
CA SER B 190 9.72 8.66 -17.30
C SER B 190 10.52 7.73 -16.38
N ASN B 191 10.57 8.08 -15.10
CA ASN B 191 11.35 7.34 -14.10
C ASN B 191 10.51 6.99 -12.88
N THR B 192 10.62 5.74 -12.43
CA THR B 192 10.12 5.38 -11.10
C THR B 192 11.24 5.61 -10.08
N LEU B 193 10.90 5.60 -8.80
CA LEU B 193 11.87 5.83 -7.73
C LEU B 193 12.48 4.48 -7.31
N SER B 194 12.39 4.10 -6.03
CA SER B 194 12.90 2.80 -5.58
C SER B 194 12.41 1.67 -6.50
N HIS B 195 13.34 0.84 -6.97
CA HIS B 195 13.02 -0.20 -7.95
C HIS B 195 13.30 -1.62 -7.43
N TRP B 196 13.49 -1.77 -6.11
CA TRP B 196 13.43 -3.09 -5.50
C TRP B 196 12.00 -3.58 -5.69
N HIS B 197 11.84 -4.87 -5.97
CA HIS B 197 10.56 -5.39 -6.43
C HIS B 197 10.28 -6.81 -5.98
N PHE B 198 9.04 -7.24 -6.19
CA PHE B 198 8.68 -8.63 -6.02
C PHE B 198 9.27 -9.42 -7.19
N HIS B 199 9.73 -10.63 -6.90
CA HIS B 199 10.27 -11.51 -7.93
C HIS B 199 9.21 -12.48 -8.47
N GLU B 200 8.04 -12.48 -7.85
CA GLU B 200 6.99 -13.46 -8.14
C GLU B 200 5.79 -12.82 -8.84
N GLU B 201 5.19 -13.57 -9.77
CA GLU B 201 3.99 -13.13 -10.50
C GLU B 201 2.72 -13.54 -9.73
N PRO B 202 1.88 -12.56 -9.33
CA PRO B 202 0.82 -12.83 -8.34
C PRO B 202 -0.56 -13.24 -8.89
N THR B 203 -0.62 -14.26 -9.74
CA THR B 203 -1.88 -14.88 -10.17
C THR B 203 -2.87 -13.86 -10.77
N ILE B 204 -3.55 -13.12 -9.89
CA ILE B 204 -4.45 -12.04 -10.29
C ILE B 204 -3.75 -10.74 -9.89
N PRO B 205 -3.09 -10.08 -10.87
CA PRO B 205 -2.22 -8.95 -10.54
C PRO B 205 -2.91 -7.70 -9.98
N GLU B 206 -4.21 -7.57 -10.19
CA GLU B 206 -4.95 -6.39 -9.71
C GLU B 206 -5.24 -6.42 -8.22
N ASP B 207 -4.94 -7.54 -7.58
CA ASP B 207 -5.19 -7.72 -6.16
C ASP B 207 -4.36 -6.71 -5.35
N MET B 208 -5.01 -5.62 -4.94
CA MET B 208 -4.34 -4.53 -4.23
C MET B 208 -4.06 -4.87 -2.76
N SER B 209 -4.64 -5.95 -2.27
CA SER B 209 -4.31 -6.47 -0.94
C SER B 209 -2.91 -7.09 -0.90
N LYS B 210 -2.34 -7.34 -2.08
CA LYS B 210 -0.99 -7.90 -2.20
C LYS B 210 -0.03 -6.92 -2.89
N GLU B 211 -0.38 -5.64 -2.87
CA GLU B 211 0.48 -4.58 -3.41
C GLU B 211 0.98 -3.71 -2.25
N TYR B 212 2.29 -3.60 -2.11
CA TYR B 212 2.91 -2.85 -1.02
C TYR B 212 4.40 -2.67 -1.31
N PRO B 213 5.07 -1.74 -0.61
CA PRO B 213 6.50 -1.56 -0.80
C PRO B 213 7.29 -2.86 -0.66
N ALA B 214 8.26 -3.06 -1.53
CA ALA B 214 9.12 -4.25 -1.49
C ALA B 214 10.01 -4.25 -0.25
N THR B 215 10.49 -3.06 0.12
CA THR B 215 11.31 -2.90 1.32
C THR B 215 10.90 -1.65 2.10
N MET B 216 11.23 -1.63 3.38
CA MET B 216 11.01 -0.46 4.23
C MET B 216 11.95 0.67 3.84
N ALA B 217 13.24 0.35 3.76
CA ALA B 217 14.28 1.35 3.47
C ALA B 217 14.07 2.02 2.11
N GLY B 218 13.64 1.24 1.12
CA GLY B 218 13.37 1.77 -0.22
C GLY B 218 12.22 2.75 -0.19
N TYR B 219 11.15 2.41 0.53
CA TYR B 219 10.04 3.32 0.76
C TYR B 219 10.52 4.57 1.49
N GLN B 220 11.37 4.39 2.50
CA GLN B 220 11.89 5.52 3.28
C GLN B 220 12.70 6.48 2.43
N TRP B 221 13.53 5.93 1.53
CA TRP B 221 14.27 6.75 0.57
C TRP B 221 13.32 7.56 -0.32
N ASP B 222 12.28 6.92 -0.83
CA ASP B 222 11.29 7.60 -1.70
C ASP B 222 10.65 8.80 -1.02
N ILE B 223 10.19 8.60 0.22
CA ILE B 223 9.55 9.67 0.98
C ILE B 223 10.49 10.84 1.21
N ARG B 224 11.72 10.53 1.61
CA ARG B 224 12.73 11.54 1.87
C ARG B 224 13.00 12.38 0.63
N MET B 225 13.15 11.71 -0.51
CA MET B 225 13.38 12.40 -1.78
C MET B 225 12.14 13.18 -2.22
N ILE B 226 10.96 12.56 -2.10
CA ILE B 226 9.71 13.24 -2.42
C ILE B 226 9.49 14.49 -1.55
N GLU B 227 9.82 14.40 -0.26
CA GLU B 227 9.68 15.56 0.64
C GLU B 227 10.54 16.74 0.22
N LEU B 228 11.82 16.48 -0.08
CA LEU B 228 12.75 17.52 -0.50
C LEU B 228 12.25 18.26 -1.76
N MET B 229 11.69 17.50 -2.70
CA MET B 229 11.17 18.08 -3.94
C MET B 229 10.02 19.04 -3.69
N ARG B 230 9.02 18.59 -2.94
CA ARG B 230 7.87 19.43 -2.56
C ARG B 230 8.26 20.55 -1.58
N GLN B 231 9.39 20.37 -0.91
CA GLN B 231 9.98 21.44 -0.09
C GLN B 231 10.66 22.49 -0.97
N GLY B 232 10.98 22.14 -2.21
CA GLY B 232 11.70 23.02 -3.12
C GLY B 232 13.21 22.90 -2.97
N LYS B 233 13.67 21.90 -2.22
CA LYS B 233 15.09 21.72 -1.95
C LYS B 233 15.75 20.91 -3.08
N THR B 234 15.72 21.44 -4.29
CA THR B 234 16.19 20.74 -5.47
C THR B 234 17.69 20.41 -5.43
N SER B 235 18.50 21.33 -4.93
CA SER B 235 19.95 21.10 -4.81
C SER B 235 20.25 19.96 -3.83
N GLU B 236 19.37 19.79 -2.84
CA GLU B 236 19.54 18.71 -1.85
C GLU B 236 19.11 17.35 -2.40
N VAL B 237 18.16 17.32 -3.34
CA VAL B 237 17.78 16.05 -3.95
C VAL B 237 18.91 15.56 -4.86
N PHE B 238 19.51 16.47 -5.62
CA PHE B 238 20.57 16.11 -6.56
C PHE B 238 21.90 15.79 -5.88
N LYS B 239 22.14 16.40 -4.71
CA LYS B 239 23.28 16.04 -3.90
C LYS B 239 23.10 14.61 -3.35
N LEU B 240 21.86 14.23 -3.08
CA LEU B 240 21.54 12.90 -2.55
C LEU B 240 21.29 11.87 -3.67
N LEU B 241 21.23 12.30 -4.91
CA LEU B 241 20.77 11.43 -5.99
C LEU B 241 21.63 10.16 -6.15
N PRO B 242 22.97 10.29 -6.11
CA PRO B 242 23.82 9.09 -6.23
C PRO B 242 23.61 8.05 -5.11
N GLN B 243 23.56 8.50 -3.86
CA GLN B 243 23.32 7.58 -2.75
C GLN B 243 21.93 6.97 -2.86
N PHE B 244 20.98 7.77 -3.31
CA PHE B 244 19.61 7.32 -3.56
C PHE B 244 19.59 6.26 -4.67
N ILE B 245 20.35 6.50 -5.75
CA ILE B 245 20.52 5.51 -6.83
C ILE B 245 20.95 4.15 -6.26
N ASP B 246 22.05 4.16 -5.50
CA ASP B 246 22.69 2.92 -5.04
C ASP B 246 21.85 2.15 -4.03
N GLU B 247 21.37 2.85 -3.01
CA GLU B 247 20.66 2.19 -1.91
C GLU B 247 19.23 1.82 -2.25
N ALA B 248 18.61 2.57 -3.16
CA ALA B 248 17.21 2.33 -3.52
C ALA B 248 17.03 1.74 -4.93
N PHE B 249 18.13 1.51 -5.65
CA PHE B 249 18.08 0.95 -7.01
C PHE B 249 17.09 1.78 -7.83
N ALA B 250 17.16 3.10 -7.66
CA ALA B 250 16.18 4.01 -8.23
C ALA B 250 16.36 4.14 -9.74
N GLU B 251 15.24 4.19 -10.46
CA GLU B 251 15.28 4.23 -11.92
C GLU B 251 15.74 5.57 -12.48
N VAL B 252 15.89 6.58 -11.62
CA VAL B 252 16.44 7.88 -12.05
C VAL B 252 17.91 7.80 -12.47
N LYS B 253 18.57 6.69 -12.14
CA LYS B 253 19.90 6.40 -12.69
C LYS B 253 19.88 6.40 -14.22
N SER B 254 18.73 6.09 -14.81
CA SER B 254 18.57 6.13 -16.26
C SER B 254 18.78 7.52 -16.87
N GLY B 255 18.48 8.58 -16.12
CA GLY B 255 18.83 9.94 -16.53
C GLY B 255 17.71 10.92 -16.82
N ALA B 256 16.48 10.44 -16.97
CA ALA B 256 15.34 11.31 -17.30
C ALA B 256 15.17 12.45 -16.28
N PHE B 257 15.28 12.12 -15.00
CA PHE B 257 15.09 13.09 -13.94
C PHE B 257 16.13 14.21 -14.00
N THR B 258 17.38 13.85 -14.29
CA THR B 258 18.45 14.85 -14.42
C THR B 258 18.31 15.65 -15.70
N TRP B 259 17.98 14.97 -16.80
CA TRP B 259 17.72 15.63 -18.07
C TRP B 259 16.64 16.71 -17.94
N MET B 260 15.54 16.36 -17.28
CA MET B 260 14.43 17.29 -17.06
C MET B 260 14.89 18.54 -16.31
N HIS B 261 15.42 18.34 -15.11
CA HIS B 261 15.85 19.46 -14.26
C HIS B 261 16.96 20.31 -14.89
N ALA B 262 17.86 19.67 -15.63
CA ALA B 262 18.88 20.39 -16.38
C ALA B 262 18.24 21.33 -17.39
N ALA B 263 17.18 20.85 -18.05
CA ALA B 263 16.43 21.66 -19.01
C ALA B 263 15.66 22.80 -18.33
N MET B 264 15.24 22.56 -17.08
CA MET B 264 14.55 23.58 -16.29
C MET B 264 15.52 24.42 -15.45
N GLN B 265 16.81 24.13 -15.55
CA GLN B 265 17.87 24.83 -14.80
C GLN B 265 17.76 24.65 -13.29
N TYR B 266 17.50 23.40 -12.87
CA TYR B 266 17.44 23.03 -11.46
C TYR B 266 16.76 24.09 -10.59
N PRO B 267 15.46 24.31 -10.82
CA PRO B 267 14.73 25.33 -10.10
C PRO B 267 14.50 24.96 -8.64
N GLU B 268 14.89 25.87 -7.73
CA GLU B 268 14.59 25.73 -6.31
C GLU B 268 13.08 26.03 -6.13
N LEU B 269 12.25 25.13 -6.65
CA LEU B 269 10.80 25.34 -6.74
C LEU B 269 10.04 24.16 -6.13
N ALA B 270 9.07 24.47 -5.29
CA ALA B 270 8.22 23.46 -4.68
C ALA B 270 7.48 22.68 -5.76
N ALA B 271 7.65 21.36 -5.74
CA ALA B 271 6.94 20.47 -6.66
C ALA B 271 5.62 20.02 -6.03
N GLU B 272 4.62 19.76 -6.87
CA GLU B 272 3.35 19.20 -6.41
C GLU B 272 3.37 17.68 -6.53
N LEU B 273 2.99 17.01 -5.45
CA LEU B 273 2.86 15.56 -5.43
C LEU B 273 1.41 15.17 -5.70
N PHE B 274 1.14 14.71 -6.92
CA PHE B 274 -0.20 14.24 -7.26
C PHE B 274 -0.50 12.92 -6.56
N GLY B 275 0.53 12.12 -6.35
CA GLY B 275 0.35 10.87 -5.62
C GLY B 275 1.56 9.97 -5.59
N TYR B 276 1.57 9.08 -4.61
CA TYR B 276 2.60 8.06 -4.50
C TYR B 276 1.93 6.72 -4.26
N GLY B 277 2.46 5.69 -4.90
CA GLY B 277 2.01 4.32 -4.70
C GLY B 277 3.08 3.35 -5.13
N THR B 278 2.85 2.07 -4.86
CA THR B 278 3.77 1.03 -5.30
C THR B 278 3.13 0.21 -6.41
N VAL B 279 3.99 -0.36 -7.26
CA VAL B 279 3.55 -1.31 -8.30
C VAL B 279 4.61 -2.41 -8.40
N ILE B 280 4.23 -3.62 -7.98
CA ILE B 280 5.15 -4.75 -7.83
C ILE B 280 6.24 -4.45 -6.79
N GLY B 281 5.95 -3.52 -5.87
CA GLY B 281 6.88 -3.15 -4.81
C GLY B 281 7.69 -1.88 -5.05
N THR B 282 7.68 -1.39 -6.29
CA THR B 282 8.51 -0.24 -6.67
C THR B 282 7.78 1.06 -6.37
N GLY B 283 8.52 2.05 -5.87
CA GLY B 283 7.94 3.34 -5.54
C GLY B 283 7.79 4.22 -6.77
N ASN B 284 6.58 4.73 -6.98
CA ASN B 284 6.29 5.61 -8.10
C ASN B 284 5.62 6.88 -7.61
N ALA B 285 6.18 8.02 -7.99
CA ALA B 285 5.58 9.31 -7.66
C ALA B 285 5.21 10.05 -8.94
N VAL B 286 4.00 10.60 -8.98
CA VAL B 286 3.55 11.44 -10.08
C VAL B 286 3.60 12.89 -9.59
N MET B 287 4.48 13.70 -10.18
CA MET B 287 4.75 15.05 -9.67
C MET B 287 4.87 16.09 -10.80
N GLU B 288 4.89 17.37 -10.40
CA GLU B 288 5.01 18.48 -11.36
C GLU B 288 5.80 19.67 -10.83
N TRP B 289 6.60 20.24 -11.70
CA TRP B 289 7.22 21.55 -11.48
C TRP B 289 6.57 22.53 -12.46
N ASP B 290 5.67 23.36 -11.93
CA ASP B 290 4.92 24.34 -12.74
C ASP B 290 5.76 25.61 -12.90
N LEU B 291 6.54 25.67 -13.97
CA LEU B 291 7.42 26.82 -14.22
C LEU B 291 6.64 28.08 -14.60
N ARG B 292 5.52 27.88 -15.29
CA ARG B 292 4.63 28.99 -15.69
C ARG B 292 4.10 29.74 -14.45
N LYS B 293 3.64 28.98 -13.45
CA LYS B 293 3.16 29.58 -12.20
C LYS B 293 4.29 30.26 -11.42
N ALA B 294 5.50 29.72 -11.51
CA ALA B 294 6.67 30.32 -10.87
C ALA B 294 7.21 31.52 -11.68
N GLY B 295 6.77 31.64 -12.93
CA GLY B 295 7.24 32.71 -13.81
C GLY B 295 8.62 32.44 -14.38
N LEU B 296 9.03 31.16 -14.37
CA LEU B 296 10.34 30.74 -14.86
C LEU B 296 10.25 30.00 -16.19
N SER B 297 9.07 30.03 -16.82
CA SER B 297 8.81 29.18 -17.98
C SER B 297 9.45 29.69 -19.28
N MET B 298 9.52 31.01 -19.45
CA MET B 298 9.97 31.60 -20.71
C MET B 298 11.48 31.53 -20.82
N LEU B 299 11.97 31.18 -22.01
CA LEU B 299 13.39 30.84 -22.21
C LEU B 299 14.19 31.95 -22.89
N GLY B 300 13.56 32.65 -23.84
CA GLY B 300 14.22 33.71 -24.60
C GLY B 300 13.66 33.83 -26.00
N ALA B 301 14.08 34.87 -26.71
CA ALA B 301 13.61 35.12 -28.07
C ALA B 301 14.08 34.00 -29.02
N ALA B 302 13.13 33.43 -29.75
CA ALA B 302 13.43 32.39 -30.74
C ALA B 302 14.09 32.97 -31.98
N ASP B 303 14.67 32.10 -32.80
CA ASP B 303 15.33 32.51 -34.04
C ASP B 303 14.28 32.88 -35.11
N THR C 2 -5.53 -22.08 45.69
CA THR C 2 -5.31 -21.01 44.67
C THR C 2 -6.53 -20.07 44.60
N VAL C 3 -7.64 -20.54 44.03
CA VAL C 3 -8.87 -19.73 43.98
C VAL C 3 -9.66 -19.90 45.28
N VAL C 4 -9.96 -18.78 45.94
CA VAL C 4 -10.56 -18.79 47.28
C VAL C 4 -11.95 -18.15 47.36
N SER C 5 -12.29 -17.32 46.39
CA SER C 5 -13.62 -16.71 46.32
C SER C 5 -13.90 -16.24 44.90
N ALA C 6 -15.18 -15.97 44.62
CA ALA C 6 -15.61 -15.62 43.27
C ALA C 6 -16.87 -14.77 43.32
N PHE C 7 -16.93 -13.73 42.46
CA PHE C 7 -18.04 -12.79 42.46
C PHE C 7 -18.37 -12.28 41.07
N LEU C 8 -19.66 -12.02 40.84
CA LEU C 8 -20.10 -11.24 39.68
C LEU C 8 -20.74 -9.97 40.21
N VAL C 9 -20.26 -8.82 39.74
CA VAL C 9 -20.76 -7.52 40.19
C VAL C 9 -21.05 -6.65 38.95
N PRO C 10 -21.87 -5.59 39.12
CA PRO C 10 -22.24 -4.80 37.95
C PRO C 10 -21.15 -3.85 37.47
N GLY C 11 -21.19 -3.53 36.18
CA GLY C 11 -20.29 -2.56 35.58
C GLY C 11 -20.82 -1.14 35.58
N THR C 12 -22.12 -0.98 35.78
CA THR C 12 -22.75 0.34 35.81
C THR C 12 -22.23 1.17 36.99
N PRO C 13 -22.02 2.48 36.78
CA PRO C 13 -21.59 3.38 37.84
C PRO C 13 -22.74 3.97 38.65
N LEU C 14 -23.98 3.71 38.22
CA LEU C 14 -25.15 4.37 38.81
C LEU C 14 -25.37 4.03 40.28
N PRO C 15 -25.09 2.78 40.70
CA PRO C 15 -25.14 2.49 42.13
C PRO C 15 -24.18 3.34 42.97
N GLN C 16 -22.92 3.45 42.54
CA GLN C 16 -21.94 4.27 43.26
C GLN C 16 -22.28 5.76 43.21
N LEU C 17 -22.61 6.25 42.02
CA LEU C 17 -22.80 7.68 41.77
C LEU C 17 -24.04 8.27 42.44
N LYS C 18 -25.15 7.54 42.42
CA LYS C 18 -26.40 8.03 42.99
C LYS C 18 -27.14 6.97 43.82
N PRO C 19 -26.55 6.56 44.96
CA PRO C 19 -27.18 5.53 45.82
C PRO C 19 -28.46 5.99 46.56
N GLU C 20 -28.72 7.30 46.60
CA GLU C 20 -29.96 7.81 47.20
C GLU C 20 -31.22 7.31 46.49
N VAL C 21 -31.06 6.94 45.21
CA VAL C 21 -32.13 6.24 44.50
C VAL C 21 -32.20 4.83 45.11
N PRO C 22 -33.34 4.47 45.73
CA PRO C 22 -33.44 3.24 46.52
C PRO C 22 -32.94 1.98 45.81
N SER C 23 -33.35 1.75 44.57
CA SER C 23 -32.98 0.53 43.86
C SER C 23 -31.49 0.51 43.54
N TRP C 24 -30.91 1.68 43.34
CA TRP C 24 -29.48 1.80 43.04
C TRP C 24 -28.66 1.69 44.32
N GLY C 25 -29.21 2.20 45.43
CA GLY C 25 -28.57 2.08 46.73
C GLY C 25 -28.46 0.64 47.21
N GLN C 26 -29.48 -0.16 46.93
CA GLN C 26 -29.49 -1.57 47.34
C GLN C 26 -28.42 -2.37 46.60
N LEU C 27 -28.21 -2.05 45.32
CA LEU C 27 -27.16 -2.67 44.52
C LEU C 27 -25.78 -2.21 44.96
N ALA C 28 -25.66 -0.93 45.33
CA ALA C 28 -24.42 -0.38 45.89
C ALA C 28 -24.07 -1.10 47.19
N ALA C 29 -25.03 -1.17 48.11
CA ALA C 29 -24.85 -1.88 49.38
C ALA C 29 -24.47 -3.34 49.14
N ALA C 30 -25.15 -3.98 48.19
CA ALA C 30 -24.91 -5.39 47.86
C ALA C 30 -23.50 -5.63 47.34
N THR C 31 -22.95 -4.68 46.59
CA THR C 31 -21.59 -4.77 46.08
C THR C 31 -20.57 -4.61 47.20
N GLU C 32 -20.85 -3.71 48.14
CA GLU C 32 -20.00 -3.52 49.33
C GLU C 32 -19.97 -4.80 50.17
N ARG C 33 -21.13 -5.42 50.34
CA ARG C 33 -21.23 -6.71 51.05
C ARG C 33 -20.41 -7.80 50.36
N ALA C 34 -20.35 -7.79 49.03
CA ALA C 34 -19.48 -8.70 48.29
C ALA C 34 -18.01 -8.36 48.55
N GLY C 35 -17.71 -7.07 48.67
CA GLY C 35 -16.38 -6.59 49.03
C GLY C 35 -15.90 -7.18 50.35
N LYS C 36 -16.77 -7.19 51.35
CA LYS C 36 -16.44 -7.74 52.67
C LYS C 36 -16.18 -9.25 52.57
N ALA C 37 -17.09 -9.95 51.90
CA ALA C 37 -16.93 -11.38 51.67
C ALA C 37 -15.63 -11.69 50.93
N LEU C 38 -15.22 -10.80 50.02
CA LEU C 38 -13.94 -10.95 49.32
C LEU C 38 -12.77 -10.77 50.30
N ALA C 39 -12.85 -9.74 51.14
CA ALA C 39 -11.81 -9.48 52.14
C ALA C 39 -11.64 -10.66 53.09
N ALA C 40 -12.75 -11.28 53.48
CA ALA C 40 -12.73 -12.40 54.45
C ALA C 40 -12.05 -13.65 53.90
N SER C 41 -12.03 -13.81 52.58
CA SER C 41 -11.33 -14.94 51.95
C SER C 41 -9.81 -14.73 51.85
N ARG C 42 -9.33 -13.56 52.26
CA ARG C 42 -7.90 -13.25 52.35
C ARG C 42 -7.12 -13.57 51.06
N PRO C 43 -7.52 -12.96 49.93
CA PRO C 43 -6.79 -13.20 48.69
C PRO C 43 -5.51 -12.37 48.59
N ASP C 44 -4.57 -12.85 47.79
CA ASP C 44 -3.34 -12.11 47.50
C ASP C 44 -3.50 -11.24 46.24
N VAL C 45 -4.39 -11.67 45.34
CA VAL C 45 -4.74 -10.91 44.14
C VAL C 45 -6.21 -11.08 43.80
N VAL C 46 -6.72 -10.13 43.02
CA VAL C 46 -8.09 -10.19 42.53
C VAL C 46 -8.05 -10.28 41.01
N LEU C 47 -8.61 -11.36 40.48
CA LEU C 47 -8.54 -11.65 39.04
C LEU C 47 -9.80 -11.08 38.36
N VAL C 48 -9.64 -9.97 37.65
CA VAL C 48 -10.76 -9.17 37.18
C VAL C 48 -10.94 -9.21 35.66
N TYR C 49 -12.20 -9.26 35.24
CA TYR C 49 -12.59 -9.10 33.85
C TYR C 49 -13.75 -8.14 33.80
N SER C 50 -13.59 -7.05 33.07
CA SER C 50 -14.67 -6.08 32.93
C SER C 50 -15.20 -6.10 31.50
N THR C 51 -16.52 -6.18 31.40
CA THR C 51 -17.21 -6.14 30.12
C THR C 51 -16.88 -4.90 29.28
N GLN C 52 -16.55 -3.79 29.94
CA GLN C 52 -16.35 -2.49 29.28
C GLN C 52 -14.88 -2.18 28.97
N TRP C 53 -13.99 -3.10 29.31
CA TRP C 53 -12.56 -2.98 29.02
C TRP C 53 -12.36 -3.68 27.65
N LEU C 54 -12.51 -2.92 26.56
CA LEU C 54 -12.57 -3.51 25.22
C LEU C 54 -11.21 -3.63 24.52
N ALA C 55 -10.90 -4.82 24.04
CA ALA C 55 -9.74 -5.04 23.17
C ALA C 55 -10.22 -5.48 21.79
N VAL C 56 -9.35 -5.29 20.80
CA VAL C 56 -9.66 -5.58 19.40
C VAL C 56 -8.52 -6.37 18.73
N LEU C 57 -7.27 -6.02 19.05
CA LEU C 57 -6.11 -6.71 18.50
C LEU C 57 -5.63 -7.78 19.49
N ASP C 58 -4.56 -7.50 20.24
CA ASP C 58 -4.08 -8.43 21.26
C ASP C 58 -5.02 -8.44 22.47
N GLN C 59 -4.97 -9.52 23.23
CA GLN C 59 -5.51 -9.55 24.58
C GLN C 59 -4.67 -8.58 25.39
N GLN C 60 -5.33 -7.72 26.18
CA GLN C 60 -4.60 -6.79 27.02
C GLN C 60 -4.68 -7.20 28.49
N TRP C 61 -3.56 -7.06 29.19
CA TRP C 61 -3.49 -7.28 30.63
C TRP C 61 -2.88 -6.05 31.27
N LEU C 62 -3.53 -5.52 32.31
CA LEU C 62 -3.05 -4.34 33.01
C LEU C 62 -1.75 -4.68 33.76
N THR C 63 -0.66 -4.04 33.38
CA THR C 63 0.65 -4.27 34.00
C THR C 63 1.25 -3.04 34.69
N ARG C 64 0.50 -1.92 34.71
CA ARG C 64 0.92 -0.73 35.44
C ARG C 64 0.81 -0.95 36.95
N PRO C 65 1.91 -0.73 37.70
CA PRO C 65 1.88 -0.96 39.15
C PRO C 65 0.83 -0.13 39.88
N ARG C 66 0.69 1.13 39.48
CA ARG C 66 -0.29 2.03 40.08
C ARG C 66 -0.92 2.97 39.04
N SER C 67 -2.24 2.92 38.94
CA SER C 67 -2.99 3.80 38.05
C SER C 67 -3.95 4.61 38.90
N GLU C 68 -3.84 5.93 38.81
CA GLU C 68 -4.75 6.82 39.52
C GLU C 68 -5.17 7.99 38.66
N GLY C 69 -6.38 8.47 38.93
CA GLY C 69 -6.97 9.57 38.19
C GLY C 69 -8.42 9.72 38.54
N VAL C 70 -9.14 10.50 37.73
CA VAL C 70 -10.56 10.71 37.93
C VAL C 70 -11.29 10.45 36.61
N HIS C 71 -12.09 9.39 36.58
CA HIS C 71 -12.78 9.00 35.36
C HIS C 71 -14.20 9.56 35.34
N VAL C 72 -14.58 10.12 34.20
CA VAL C 72 -15.94 10.60 33.97
C VAL C 72 -16.58 9.71 32.91
N ASP C 73 -17.61 8.97 33.30
CA ASP C 73 -18.31 8.07 32.40
C ASP C 73 -18.96 8.85 31.27
N GLU C 74 -18.79 8.38 30.03
CA GLU C 74 -19.24 9.13 28.86
C GLU C 74 -20.75 9.04 28.59
N ASN C 75 -21.45 8.22 29.37
CA ASN C 75 -22.91 8.21 29.40
C ASN C 75 -23.48 8.88 30.65
N TRP C 76 -22.84 8.65 31.80
CA TRP C 76 -23.39 9.02 33.10
C TRP C 76 -22.57 10.10 33.82
N TYR C 77 -22.01 11.02 33.03
CA TYR C 77 -21.20 12.13 33.56
C TYR C 77 -21.96 13.12 34.45
N GLU C 78 -23.28 13.18 34.31
CA GLU C 78 -24.10 14.12 35.08
C GLU C 78 -24.18 13.76 36.56
N PHE C 79 -24.09 12.46 36.87
CA PHE C 79 -24.25 11.97 38.24
C PHE C 79 -22.96 12.01 39.07
N GLY C 80 -21.84 12.40 38.45
CA GLY C 80 -20.60 12.63 39.21
C GLY C 80 -19.36 11.96 38.66
N ASP C 81 -18.29 11.99 39.45
CA ASP C 81 -16.97 11.53 39.01
C ASP C 81 -16.56 10.25 39.73
N LEU C 82 -15.77 9.44 39.04
CA LEU C 82 -15.26 8.19 39.57
C LEU C 82 -13.73 8.27 39.76
N ALA C 83 -13.32 8.71 40.93
CA ALA C 83 -11.90 8.77 41.28
C ALA C 83 -11.37 7.35 41.51
N TYR C 84 -10.12 7.11 41.15
CA TYR C 84 -9.54 5.77 41.34
C TYR C 84 -8.05 5.80 41.67
N ASP C 85 -7.62 4.73 42.34
CA ASP C 85 -6.22 4.46 42.63
C ASP C 85 -6.04 2.94 42.62
N ILE C 86 -5.83 2.40 41.42
CA ILE C 86 -5.80 0.96 41.17
C ILE C 86 -4.38 0.41 41.23
N ARG C 87 -4.17 -0.56 42.12
CA ARG C 87 -2.87 -1.22 42.24
C ARG C 87 -2.94 -2.56 41.52
N ALA C 88 -1.91 -2.84 40.72
CA ALA C 88 -1.81 -4.10 39.97
C ALA C 88 -0.70 -5.01 40.48
N ASP C 89 -0.92 -6.32 40.33
CA ASP C 89 0.11 -7.32 40.58
C ASP C 89 0.85 -7.53 39.25
N THR C 90 1.92 -6.76 39.05
CA THR C 90 2.70 -6.81 37.81
C THR C 90 3.29 -8.19 37.55
N ALA C 91 3.77 -8.85 38.60
CA ALA C 91 4.36 -10.18 38.49
C ALA C 91 3.38 -11.19 37.89
N LEU C 92 2.16 -11.20 38.43
CA LEU C 92 1.13 -12.15 37.98
C LEU C 92 0.58 -11.74 36.60
N ALA C 93 0.36 -10.45 36.40
CA ALA C 93 -0.15 -9.93 35.13
C ALA C 93 0.85 -10.18 34.00
N GLU C 94 2.12 -9.95 34.28
CA GLU C 94 3.18 -10.20 33.30
C GLU C 94 3.29 -11.69 32.99
N ALA C 95 3.07 -12.54 33.98
CA ALA C 95 3.04 -13.99 33.78
C ALA C 95 1.86 -14.42 32.92
N CYS C 96 0.74 -13.70 33.03
CA CYS C 96 -0.43 -13.93 32.20
C CYS C 96 -0.20 -13.49 30.75
N VAL C 97 0.52 -12.38 30.59
CA VAL C 97 0.90 -11.90 29.25
C VAL C 97 1.78 -12.94 28.54
N THR C 98 2.69 -13.55 29.29
CA THR C 98 3.61 -14.55 28.75
C THR C 98 2.89 -15.86 28.38
N SER C 99 2.00 -16.31 29.25
CA SER C 99 1.31 -17.58 29.08
C SER C 99 0.27 -17.54 27.96
N SER C 100 -0.29 -16.36 27.70
CA SER C 100 -1.38 -16.21 26.74
C SER C 100 -1.10 -16.85 25.36
N PRO C 101 0.01 -16.47 24.70
CA PRO C 101 0.31 -17.03 23.38
C PRO C 101 0.61 -18.54 23.39
N LEU C 102 1.03 -19.07 24.54
CA LEU C 102 1.23 -20.51 24.70
C LEU C 102 -0.11 -21.26 24.71
N HIS C 103 -1.19 -20.55 25.05
CA HIS C 103 -2.54 -21.09 24.98
C HIS C 103 -3.29 -20.61 23.71
N GLY C 104 -2.56 -20.02 22.75
CA GLY C 104 -3.11 -19.66 21.45
C GLY C 104 -3.72 -18.28 21.31
N VAL C 105 -3.40 -17.39 22.25
CA VAL C 105 -3.96 -16.03 22.25
C VAL C 105 -2.86 -15.00 22.38
N HIS C 106 -2.61 -14.23 21.33
CA HIS C 106 -1.60 -13.19 21.35
C HIS C 106 -2.00 -12.14 22.38
N ALA C 107 -1.09 -11.79 23.29
CA ALA C 107 -1.38 -10.85 24.36
C ALA C 107 -0.25 -9.84 24.58
N ARG C 108 -0.61 -8.71 25.17
CA ARG C 108 0.36 -7.66 25.51
C ARG C 108 0.02 -7.06 26.88
N GLY C 109 1.04 -6.52 27.53
CA GLY C 109 0.85 -5.75 28.75
C GLY C 109 0.46 -4.33 28.39
N VAL C 110 -0.20 -3.64 29.31
CA VAL C 110 -0.55 -2.23 29.11
C VAL C 110 -0.16 -1.40 30.34
N ASN C 111 0.94 -0.67 30.20
CA ASN C 111 1.49 0.17 31.28
C ASN C 111 1.75 1.57 30.73
N TYR C 112 0.76 2.44 30.85
CA TYR C 112 0.87 3.82 30.36
C TYR C 112 0.18 4.78 31.32
N ASP C 113 0.83 5.91 31.59
CA ASP C 113 0.22 6.96 32.40
C ASP C 113 -1.00 7.48 31.64
N GLY C 114 -2.15 7.45 32.31
CA GLY C 114 -3.38 7.93 31.71
C GLY C 114 -4.07 6.95 30.79
N PHE C 115 -3.79 5.65 30.92
CA PHE C 115 -4.52 4.64 30.16
C PHE C 115 -5.98 4.62 30.61
N PRO C 116 -6.93 4.53 29.66
CA PRO C 116 -8.34 4.62 30.04
C PRO C 116 -8.88 3.34 30.66
N ILE C 117 -8.71 3.20 31.97
CA ILE C 117 -9.34 2.12 32.71
C ILE C 117 -10.86 2.36 32.65
N ASP C 118 -11.61 1.29 32.41
CA ASP C 118 -13.05 1.40 32.14
C ASP C 118 -13.83 1.69 33.40
N THR C 119 -15.07 2.15 33.22
CA THR C 119 -15.97 2.46 34.34
C THR C 119 -16.24 1.27 35.25
N GLY C 120 -16.40 0.09 34.64
CA GLY C 120 -16.73 -1.12 35.40
C GLY C 120 -15.69 -1.48 36.44
N THR C 121 -14.45 -1.56 35.98
CA THR C 121 -13.31 -1.88 36.85
C THR C 121 -13.17 -0.85 37.99
N ILE C 122 -13.35 0.42 37.66
CA ILE C 122 -13.24 1.49 38.64
C ILE C 122 -14.32 1.43 39.71
N THR C 123 -15.58 1.30 39.31
CA THR C 123 -16.68 1.28 40.27
C THR C 123 -16.67 0.01 41.10
N ALA C 124 -16.19 -1.08 40.50
CA ALA C 124 -16.01 -2.33 41.24
C ALA C 124 -14.93 -2.19 42.32
N CYS C 125 -13.82 -1.53 41.99
CA CYS C 125 -12.75 -1.27 42.97
C CYS C 125 -13.24 -0.42 44.14
N THR C 126 -13.93 0.67 43.81
CA THR C 126 -14.44 1.61 44.81
C THR C 126 -15.41 0.93 45.78
N LEU C 127 -16.45 0.31 45.23
CA LEU C 127 -17.50 -0.31 46.04
C LEU C 127 -17.04 -1.56 46.80
N MET C 128 -16.26 -2.41 46.15
CA MET C 128 -15.76 -3.65 46.76
C MET C 128 -14.52 -3.43 47.64
N GLY C 129 -13.84 -2.30 47.46
CA GLY C 129 -12.59 -2.06 48.18
C GLY C 129 -11.44 -2.93 47.67
N ILE C 130 -11.42 -3.18 46.37
CA ILE C 130 -10.30 -3.90 45.75
C ILE C 130 -9.47 -2.93 44.91
N GLY C 131 -8.36 -3.43 44.37
CA GLY C 131 -7.40 -2.58 43.67
C GLY C 131 -6.47 -1.85 44.61
N THR C 132 -6.42 -2.29 45.87
CA THR C 132 -5.52 -1.72 46.87
C THR C 132 -4.20 -2.48 46.87
N ASP C 133 -3.26 -2.03 47.70
CA ASP C 133 -1.98 -2.72 47.86
C ASP C 133 -2.15 -4.12 48.44
N ALA C 134 -3.15 -4.30 49.30
CA ALA C 134 -3.46 -5.61 49.88
C ALA C 134 -4.18 -6.52 48.88
N PHE C 135 -5.10 -5.95 48.09
CA PHE C 135 -5.85 -6.72 47.10
C PHE C 135 -5.64 -6.14 45.70
N PRO C 136 -4.42 -6.28 45.16
CA PRO C 136 -4.10 -5.75 43.84
C PRO C 136 -4.77 -6.54 42.71
N LEU C 137 -4.94 -5.92 41.55
CA LEU C 137 -5.67 -6.53 40.45
C LEU C 137 -4.76 -7.20 39.44
N VAL C 138 -5.28 -8.26 38.82
CA VAL C 138 -4.84 -8.74 37.53
C VAL C 138 -6.07 -8.64 36.63
N VAL C 139 -6.09 -7.61 35.80
CA VAL C 139 -7.20 -7.33 34.90
C VAL C 139 -6.90 -7.80 33.50
N GLY C 140 -7.80 -8.60 32.93
CA GLY C 140 -7.70 -9.07 31.57
C GLY C 140 -8.85 -8.48 30.75
N SER C 141 -8.52 -7.95 29.57
CA SER C 141 -9.48 -7.27 28.73
C SER C 141 -10.58 -8.17 28.16
N ASN C 142 -11.72 -7.53 27.85
CA ASN C 142 -12.75 -8.12 27.00
C ASN C 142 -12.35 -7.89 25.55
N ASN C 143 -11.69 -8.87 24.94
CA ASN C 143 -11.41 -8.79 23.51
C ASN C 143 -12.68 -9.16 22.74
N LEU C 144 -13.10 -8.26 21.84
CA LEU C 144 -14.38 -8.41 21.14
C LEU C 144 -14.46 -9.64 20.23
N TYR C 145 -13.30 -10.10 19.74
CA TYR C 145 -13.26 -11.26 18.86
C TYR C 145 -13.16 -12.58 19.62
N HIS C 146 -13.03 -12.53 20.94
CA HIS C 146 -12.99 -13.73 21.78
C HIS C 146 -14.39 -14.21 22.13
N SER C 147 -14.58 -15.52 22.08
CA SER C 147 -15.82 -16.17 22.50
C SER C 147 -15.81 -16.42 24.01
N GLY C 148 -16.90 -16.97 24.51
CA GLY C 148 -16.98 -17.40 25.90
C GLY C 148 -15.96 -18.46 26.24
N GLU C 149 -15.78 -19.43 25.35
CA GLU C 149 -14.83 -20.51 25.57
C GLU C 149 -13.39 -19.99 25.65
N ILE C 150 -13.04 -19.02 24.80
CA ILE C 150 -11.73 -18.38 24.86
C ILE C 150 -11.55 -17.58 26.16
N THR C 151 -12.63 -16.94 26.61
CA THR C 151 -12.62 -16.18 27.85
C THR C 151 -12.32 -17.08 29.04
N GLU C 152 -12.89 -18.28 29.03
CA GLU C 152 -12.58 -19.28 30.05
C GLU C 152 -11.12 -19.71 29.99
N LYS C 153 -10.60 -19.88 28.78
CA LYS C 153 -9.20 -20.26 28.58
C LYS C 153 -8.25 -19.19 29.15
N LEU C 154 -8.59 -17.91 28.99
CA LEU C 154 -7.81 -16.82 29.59
C LEU C 154 -7.87 -16.84 31.12
N ALA C 155 -9.05 -17.13 31.67
CA ALA C 155 -9.24 -17.15 33.13
C ALA C 155 -8.50 -18.32 33.79
N ALA C 156 -8.61 -19.51 33.20
CA ALA C 156 -7.93 -20.71 33.72
C ALA C 156 -6.41 -20.56 33.61
N LEU C 157 -5.97 -19.99 32.50
CA LEU C 157 -4.56 -19.64 32.27
C LEU C 157 -4.00 -18.75 33.38
N ALA C 158 -4.78 -17.75 33.78
CA ALA C 158 -4.39 -16.83 34.84
C ALA C 158 -4.33 -17.54 36.19
N VAL C 159 -5.34 -18.38 36.46
CA VAL C 159 -5.41 -19.14 37.72
C VAL C 159 -4.23 -20.10 37.87
N ASP C 160 -3.79 -20.70 36.77
CA ASP C 160 -2.59 -21.54 36.75
C ASP C 160 -1.33 -20.74 37.05
N CYS C 161 -1.24 -19.54 36.49
CA CYS C 161 -0.12 -18.64 36.77
C CYS C 161 -0.08 -18.29 38.26
N ALA C 162 -1.25 -18.08 38.84
CA ALA C 162 -1.36 -17.78 40.27
C ALA C 162 -0.95 -18.98 41.13
N LYS C 163 -1.28 -20.19 40.66
CA LYS C 163 -0.88 -21.41 41.37
C LYS C 163 0.64 -21.53 41.49
N ASP C 164 1.33 -21.21 40.38
CA ASP C 164 2.79 -21.25 40.33
C ASP C 164 3.43 -20.25 41.29
N GLN C 165 2.74 -19.13 41.52
CA GLN C 165 3.24 -18.07 42.40
C GLN C 165 2.70 -18.20 43.83
N ASN C 166 2.00 -19.30 44.10
CA ASN C 166 1.45 -19.60 45.44
C ASN C 166 0.58 -18.47 46.01
N LYS C 167 -0.29 -17.93 45.16
CA LYS C 167 -1.12 -16.78 45.52
C LYS C 167 -2.59 -17.17 45.62
N ARG C 168 -3.25 -16.69 46.66
CA ARG C 168 -4.69 -16.87 46.83
C ARG C 168 -5.43 -15.88 45.92
N VAL C 169 -6.36 -16.40 45.12
CA VAL C 169 -7.03 -15.60 44.09
C VAL C 169 -8.52 -15.46 44.37
N ALA C 170 -9.00 -14.21 44.35
CA ALA C 170 -10.42 -13.89 44.33
C ALA C 170 -10.76 -13.53 42.90
N VAL C 171 -11.84 -14.10 42.35
CA VAL C 171 -12.20 -13.81 40.97
C VAL C 171 -13.39 -12.85 40.93
N VAL C 172 -13.34 -11.89 40.02
CA VAL C 172 -14.42 -10.91 39.88
C VAL C 172 -14.77 -10.71 38.41
N GLY C 173 -16.03 -11.00 38.07
CA GLY C 173 -16.56 -10.70 36.75
C GLY C 173 -17.38 -9.42 36.83
N VAL C 174 -17.02 -8.43 36.03
CA VAL C 174 -17.69 -7.14 36.08
C VAL C 174 -18.49 -6.91 34.80
N GLY C 175 -19.81 -6.79 34.96
CA GLY C 175 -20.73 -6.61 33.83
C GLY C 175 -22.18 -6.74 34.26
N GLY C 176 -23.09 -6.35 33.37
CA GLY C 176 -24.52 -6.37 33.66
C GLY C 176 -25.20 -7.66 33.24
N LEU C 177 -26.51 -7.73 33.49
CA LEU C 177 -27.34 -8.83 33.00
C LEU C 177 -28.02 -8.35 31.71
N SER C 178 -29.36 -8.33 31.68
CA SER C 178 -30.08 -7.91 30.46
C SER C 178 -29.70 -6.48 30.11
N GLY C 179 -29.65 -6.17 28.81
CA GLY C 179 -29.18 -4.85 28.36
C GLY C 179 -30.16 -4.07 27.51
N SER C 180 -31.41 -3.99 27.94
CA SER C 180 -32.40 -3.15 27.25
C SER C 180 -32.45 -1.76 27.88
N LEU C 181 -31.34 -1.03 27.80
CA LEU C 181 -31.26 0.34 28.32
C LEU C 181 -32.32 1.24 27.69
N PHE C 182 -32.94 2.10 28.50
CA PHE C 182 -33.89 3.07 27.97
C PHE C 182 -33.19 4.03 27.03
N ARG C 183 -33.88 4.46 25.99
CA ARG C 183 -33.31 5.32 24.96
C ARG C 183 -33.77 6.79 25.08
N GLU C 184 -34.51 7.08 26.15
CA GLU C 184 -34.83 8.47 26.53
C GLU C 184 -34.50 8.67 28.00
N GLU C 185 -34.52 9.93 28.44
CA GLU C 185 -34.20 10.24 29.83
C GLU C 185 -35.37 9.84 30.73
N ILE C 186 -35.05 9.23 31.87
CA ILE C 186 -36.08 8.86 32.83
C ILE C 186 -35.88 9.57 34.16
N ASP C 187 -36.89 9.51 35.00
CA ASP C 187 -36.77 9.85 36.41
C ASP C 187 -36.06 8.68 37.07
N PRO C 188 -34.84 8.87 37.60
CA PRO C 188 -34.13 7.76 38.25
C PRO C 188 -34.98 7.01 39.30
N ARG C 189 -35.88 7.74 39.96
CA ARG C 189 -36.75 7.14 40.97
C ARG C 189 -37.79 6.18 40.39
N GLU C 190 -37.98 6.21 39.06
CA GLU C 190 -38.89 5.31 38.40
C GLU C 190 -38.16 4.21 37.61
N ASP C 191 -36.86 4.06 37.83
CA ASP C 191 -36.09 3.05 37.12
C ASP C 191 -36.57 1.63 37.44
N ARG C 192 -36.52 0.78 36.44
CA ARG C 192 -36.99 -0.59 36.55
C ARG C 192 -36.41 -1.34 35.36
N ILE C 193 -36.48 -2.68 35.41
CA ILE C 193 -36.06 -3.49 34.28
C ILE C 193 -36.97 -3.15 33.10
N ALA C 194 -36.37 -2.97 31.92
CA ALA C 194 -37.08 -2.47 30.74
C ALA C 194 -38.41 -3.19 30.45
N ASN C 195 -38.43 -4.51 30.58
CA ASN C 195 -39.65 -5.29 30.32
C ASN C 195 -39.68 -6.58 31.15
N GLU C 196 -40.82 -7.25 31.15
CA GLU C 196 -40.99 -8.52 31.88
C GLU C 196 -40.06 -9.61 31.36
N GLU C 197 -39.93 -9.71 30.04
CA GLU C 197 -39.15 -10.78 29.41
C GLU C 197 -37.71 -10.82 29.93
N ASP C 198 -37.07 -9.66 29.98
CA ASP C 198 -35.73 -9.52 30.52
C ASP C 198 -35.70 -9.91 31.97
N ASP C 199 -36.69 -9.43 32.74
CA ASP C 199 -36.77 -9.75 34.17
C ASP C 199 -36.90 -11.26 34.35
N LYS C 200 -37.86 -11.85 33.64
CA LYS C 200 -38.08 -13.30 33.65
C LYS C 200 -36.78 -14.06 33.35
N TRP C 201 -36.12 -13.68 32.26
CA TRP C 201 -34.84 -14.29 31.89
C TRP C 201 -33.77 -14.10 32.98
N ASN C 202 -33.55 -12.85 33.43
CA ASN C 202 -32.57 -12.56 34.49
C ASN C 202 -32.77 -13.48 35.70
N ARG C 203 -34.01 -13.50 36.18
CA ARG C 203 -34.41 -14.34 37.32
C ARG C 203 -34.23 -15.83 37.07
N ARG C 204 -34.55 -16.27 35.85
CA ARG C 204 -34.41 -17.68 35.49
C ARG C 204 -32.95 -18.14 35.58
N VAL C 205 -32.02 -17.39 34.99
CA VAL C 205 -30.60 -17.79 35.03
C VAL C 205 -29.95 -17.48 36.38
N LEU C 206 -30.40 -16.42 37.04
CA LEU C 206 -30.00 -16.16 38.43
C LEU C 206 -30.28 -17.38 39.32
N LYS C 207 -31.42 -18.04 39.09
CA LYS C 207 -31.76 -19.27 39.82
C LYS C 207 -30.85 -20.45 39.45
N LEU C 208 -30.54 -20.58 38.16
CA LEU C 208 -29.60 -21.61 37.71
C LEU C 208 -28.22 -21.46 38.39
N ILE C 209 -27.79 -20.21 38.60
CA ILE C 209 -26.51 -19.94 39.26
C ILE C 209 -26.55 -20.28 40.75
N GLU C 210 -27.67 -19.95 41.42
CA GLU C 210 -27.88 -20.30 42.83
C GLU C 210 -27.83 -21.81 43.07
N ALA C 211 -28.41 -22.57 42.14
CA ALA C 211 -28.45 -24.03 42.24
C ALA C 211 -27.06 -24.65 42.06
N GLY C 212 -26.25 -24.04 41.21
CA GLY C 212 -24.93 -24.57 40.89
C GLY C 212 -24.99 -25.54 39.73
N ASP C 213 -26.01 -25.39 38.89
CA ASP C 213 -26.27 -26.30 37.79
C ASP C 213 -25.55 -25.78 36.55
N VAL C 214 -24.25 -26.08 36.47
CA VAL C 214 -23.40 -25.57 35.39
C VAL C 214 -23.88 -26.09 34.04
N SER C 215 -24.27 -27.36 34.00
CA SER C 215 -24.74 -28.01 32.77
C SER C 215 -25.95 -27.29 32.18
N ALA C 216 -26.91 -26.95 33.03
CA ALA C 216 -28.13 -26.25 32.61
C ALA C 216 -27.84 -24.79 32.29
N LEU C 217 -27.04 -24.15 33.14
CA LEU C 217 -26.62 -22.76 32.93
C LEU C 217 -26.01 -22.57 31.55
N ARG C 218 -25.05 -23.42 31.20
CA ARG C 218 -24.39 -23.35 29.88
C ARG C 218 -25.37 -23.50 28.72
N GLU C 219 -26.40 -24.31 28.93
CA GLU C 219 -27.47 -24.52 27.95
C GLU C 219 -28.24 -23.22 27.72
N ALA C 220 -28.53 -22.51 28.82
CA ALA C 220 -29.32 -21.28 28.79
C ALA C 220 -28.53 -20.05 28.30
N MET C 221 -27.26 -19.94 28.70
CA MET C 221 -26.47 -18.72 28.52
C MET C 221 -26.52 -18.08 27.12
N PRO C 222 -26.24 -18.87 26.06
CA PRO C 222 -26.23 -18.26 24.72
C PRO C 222 -27.61 -17.78 24.26
N VAL C 223 -28.67 -18.53 24.62
CA VAL C 223 -30.03 -18.12 24.28
C VAL C 223 -30.41 -16.89 25.09
N TYR C 224 -30.15 -16.96 26.40
CA TYR C 224 -30.31 -15.83 27.31
C TYR C 224 -29.63 -14.57 26.77
N ALA C 225 -28.38 -14.71 26.33
CA ALA C 225 -27.57 -13.58 25.85
C ALA C 225 -28.21 -12.89 24.64
N LYS C 226 -28.73 -13.67 23.71
CA LYS C 226 -29.37 -13.13 22.51
C LYS C 226 -30.69 -12.45 22.86
N GLU C 227 -31.54 -13.18 23.57
CA GLU C 227 -32.93 -12.75 23.79
C GLU C 227 -33.06 -11.62 24.80
N ALA C 228 -32.15 -11.55 25.77
CA ALA C 228 -32.17 -10.51 26.80
C ALA C 228 -31.07 -9.45 26.59
N ARG C 229 -30.50 -9.40 25.39
CA ARG C 229 -29.44 -8.44 25.06
C ARG C 229 -28.39 -8.32 26.17
N VAL C 230 -27.92 -9.45 26.69
CA VAL C 230 -27.08 -9.45 27.89
C VAL C 230 -25.73 -8.80 27.60
N ASP C 231 -25.24 -8.05 28.58
CA ASP C 231 -23.96 -7.34 28.48
C ASP C 231 -22.85 -8.25 27.95
N MET C 232 -22.40 -7.97 26.72
CA MET C 232 -21.25 -8.64 26.10
C MET C 232 -21.31 -10.18 26.16
N GLY C 233 -22.46 -10.73 25.79
CA GLY C 233 -22.63 -12.18 25.65
C GLY C 233 -22.46 -12.96 26.95
N PHE C 234 -22.53 -12.26 28.07
CA PHE C 234 -22.37 -12.86 29.40
C PHE C 234 -20.98 -13.47 29.61
N LYS C 235 -19.99 -12.92 28.89
CA LYS C 235 -18.61 -13.41 28.94
C LYS C 235 -17.94 -13.19 30.29
N HIS C 236 -18.43 -12.20 31.05
CA HIS C 236 -17.93 -12.00 32.42
C HIS C 236 -18.34 -13.14 33.34
N LEU C 237 -19.37 -13.91 32.97
CA LEU C 237 -19.68 -15.16 33.65
C LEU C 237 -18.72 -16.25 33.18
N HIS C 238 -18.45 -16.30 31.88
CA HIS C 238 -17.51 -17.29 31.34
C HIS C 238 -16.16 -17.17 32.03
N TRP C 239 -15.74 -15.93 32.27
CA TRP C 239 -14.53 -15.65 33.04
C TRP C 239 -14.54 -16.36 34.41
N ILE C 240 -15.67 -16.31 35.11
CA ILE C 240 -15.78 -16.95 36.43
C ILE C 240 -15.73 -18.47 36.28
N LEU C 241 -16.54 -19.02 35.38
CA LEU C 241 -16.55 -20.46 35.12
C LEU C 241 -15.19 -20.99 34.71
N GLY C 242 -14.48 -20.23 33.86
CA GLY C 242 -13.12 -20.59 33.47
C GLY C 242 -12.18 -20.66 34.66
N ALA C 243 -12.24 -19.64 35.52
CA ALA C 243 -11.36 -19.54 36.67
C ALA C 243 -11.63 -20.64 37.69
N LEU C 244 -12.88 -21.09 37.74
CA LEU C 244 -13.28 -22.19 38.62
C LEU C 244 -13.25 -23.55 37.90
N LYS C 245 -12.59 -23.61 36.74
CA LYS C 245 -12.48 -24.86 35.97
C LYS C 245 -13.84 -25.51 35.61
N GLY C 246 -14.82 -24.66 35.30
CA GLY C 246 -16.12 -25.10 34.85
C GLY C 246 -16.95 -25.82 35.90
N LYS C 247 -16.69 -25.53 37.18
CA LYS C 247 -17.43 -26.17 38.26
C LYS C 247 -17.50 -25.34 39.54
N PHE C 248 -18.70 -25.31 40.13
CA PHE C 248 -18.93 -24.66 41.41
C PHE C 248 -20.22 -25.18 42.03
N SER C 249 -20.40 -24.94 43.32
CA SER C 249 -21.56 -25.44 44.05
C SER C 249 -22.42 -24.28 44.55
N GLY C 250 -23.24 -23.72 43.67
CA GLY C 250 -24.25 -22.76 44.07
C GLY C 250 -23.74 -21.34 44.27
N ALA C 251 -24.64 -20.46 44.67
CA ALA C 251 -24.33 -19.04 44.83
C ALA C 251 -25.40 -18.33 45.64
N ASN C 252 -25.03 -17.20 46.22
CA ASN C 252 -25.99 -16.30 46.85
C ASN C 252 -26.10 -15.03 46.00
N VAL C 253 -27.32 -14.70 45.59
CA VAL C 253 -27.57 -13.43 44.91
C VAL C 253 -27.75 -12.38 45.97
N LEU C 254 -26.72 -11.54 46.17
CA LEU C 254 -26.77 -10.51 47.19
C LEU C 254 -27.64 -9.33 46.77
N GLY C 255 -27.80 -9.13 45.47
CA GLY C 255 -28.61 -8.02 44.98
C GLY C 255 -29.02 -8.18 43.53
N TYR C 256 -30.17 -7.62 43.19
CA TYR C 256 -30.66 -7.65 41.82
C TYR C 256 -31.65 -6.50 41.63
N GLY C 257 -31.39 -5.67 40.62
CA GLY C 257 -32.23 -4.52 40.33
C GLY C 257 -31.87 -3.86 39.02
N PRO C 258 -32.50 -2.70 38.73
CA PRO C 258 -32.33 -2.04 37.45
C PRO C 258 -31.16 -1.07 37.39
N SER C 259 -30.74 -0.77 36.18
CA SER C 259 -29.79 0.29 35.92
C SER C 259 -30.14 0.90 34.56
N TYR C 260 -31.07 1.85 34.60
CA TYR C 260 -31.59 2.54 33.42
C TYR C 260 -32.23 1.57 32.40
N GLY C 261 -33.03 0.63 32.91
CA GLY C 261 -33.68 -0.36 32.05
C GLY C 261 -32.94 -1.68 32.00
N SER C 262 -31.62 -1.63 32.05
CA SER C 262 -30.79 -2.83 32.02
C SER C 262 -30.85 -3.52 33.37
N GLY C 263 -30.55 -4.82 33.38
CA GLY C 263 -30.47 -5.59 34.62
C GLY C 263 -29.06 -5.57 35.18
N ALA C 264 -28.96 -5.64 36.50
CA ALA C 264 -27.67 -5.67 37.20
C ALA C 264 -27.81 -6.54 38.45
N ALA C 265 -26.73 -7.24 38.83
CA ALA C 265 -26.78 -8.12 39.99
C ALA C 265 -25.43 -8.35 40.65
N VAL C 266 -25.47 -8.65 41.95
CA VAL C 266 -24.29 -9.04 42.72
C VAL C 266 -24.43 -10.50 43.12
N ILE C 267 -23.52 -11.34 42.64
CA ILE C 267 -23.55 -12.77 42.94
C ILE C 267 -22.30 -13.19 43.72
N GLU C 268 -22.51 -13.81 44.88
CA GLU C 268 -21.45 -14.48 45.61
C GLU C 268 -21.48 -15.97 45.29
N PHE C 269 -20.37 -16.50 44.76
CA PHE C 269 -20.27 -17.92 44.45
C PHE C 269 -19.81 -18.74 45.64
N ARG C 270 -20.33 -19.96 45.74
CA ARG C 270 -19.89 -20.94 46.72
C ARG C 270 -19.11 -22.01 45.97
N LEU C 271 -17.82 -22.11 46.26
CA LEU C 271 -16.91 -22.91 45.44
C LEU C 271 -17.28 -24.39 45.45
N MET D 1 -28.20 38.20 9.15
CA MET D 1 -28.18 36.80 9.65
C MET D 1 -27.08 36.01 8.93
N GLN D 2 -27.43 35.35 7.83
CA GLN D 2 -26.49 34.59 7.00
C GLN D 2 -25.69 33.52 7.75
N GLY D 3 -26.33 32.38 7.99
CA GLY D 3 -25.63 31.19 8.47
C GLY D 3 -25.07 30.44 7.28
N GLU D 4 -23.89 29.84 7.44
CA GLU D 4 -23.22 29.17 6.32
C GLU D 4 -22.62 27.82 6.72
N ILE D 5 -22.75 26.87 5.80
CA ILE D 5 -22.08 25.58 5.90
C ILE D 5 -21.08 25.54 4.75
N ILE D 6 -19.84 25.90 5.07
CA ILE D 6 -18.80 26.17 4.06
C ILE D 6 -18.42 24.90 3.30
N ALA D 7 -18.14 23.84 4.04
CA ALA D 7 -17.75 22.57 3.45
C ALA D 7 -17.91 21.41 4.43
N GLY D 8 -17.97 20.20 3.88
CA GLY D 8 -17.99 18.98 4.68
C GLY D 8 -16.78 18.12 4.35
N PHE D 9 -15.99 17.78 5.36
CA PHE D 9 -14.85 16.88 5.18
C PHE D 9 -15.20 15.48 5.68
N LEU D 10 -14.87 14.48 4.86
CA LEU D 10 -14.70 13.11 5.36
C LEU D 10 -13.31 13.09 5.98
N ALA D 11 -13.25 13.09 7.31
CA ALA D 11 -11.99 13.27 8.03
C ALA D 11 -11.77 12.17 9.06
N PRO D 12 -11.25 11.01 8.62
CA PRO D 12 -11.08 9.85 9.49
C PRO D 12 -10.03 10.08 10.58
N HIS D 13 -10.02 9.19 11.59
CA HIS D 13 -9.26 9.40 12.83
C HIS D 13 -8.22 8.31 13.16
N PRO D 14 -7.47 7.82 12.16
CA PRO D 14 -6.44 6.86 12.56
C PRO D 14 -5.33 7.57 13.34
N PRO D 15 -5.03 7.10 14.57
CA PRO D 15 -4.03 7.73 15.42
C PRO D 15 -2.61 7.63 14.85
N HIS D 16 -2.41 6.67 13.95
CA HIS D 16 -1.13 6.45 13.30
C HIS D 16 -0.68 7.66 12.50
N LEU D 17 -1.66 8.36 11.90
CA LEU D 17 -1.35 9.55 11.09
C LEU D 17 -0.73 10.66 11.94
N VAL D 18 -1.14 10.78 13.20
CA VAL D 18 -0.54 11.79 14.09
C VAL D 18 0.80 11.26 14.64
N TYR D 19 0.88 9.95 14.87
CA TYR D 19 2.12 9.30 15.30
C TYR D 19 3.24 9.55 14.29
N GLY D 20 2.92 9.42 13.01
CA GLY D 20 3.88 9.67 11.93
C GLY D 20 4.39 11.10 11.82
N GLU D 21 3.58 12.07 12.26
CA GLU D 21 3.96 13.49 12.18
C GLU D 21 4.87 13.94 13.33
N ASN D 22 4.86 13.23 14.45
CA ASN D 22 5.59 13.63 15.67
C ASN D 22 5.32 15.06 16.12
N PRO D 23 4.04 15.38 16.42
CA PRO D 23 3.72 16.69 16.94
C PRO D 23 4.16 16.83 18.39
N PRO D 24 4.31 18.07 18.87
CA PRO D 24 4.75 18.34 20.25
C PRO D 24 3.89 17.67 21.32
N GLN D 25 2.59 17.62 21.07
CA GLN D 25 1.64 17.18 22.09
C GLN D 25 1.47 15.64 22.16
N ASN D 26 1.93 14.93 21.14
CA ASN D 26 1.92 13.47 21.17
C ASN D 26 3.23 12.95 21.74
N GLU D 27 3.13 12.17 22.82
CA GLU D 27 4.28 11.69 23.58
C GLU D 27 5.21 10.75 22.79
N PRO D 28 4.66 9.65 22.22
CA PRO D 28 5.55 8.71 21.55
C PRO D 28 6.16 9.28 20.26
N ARG D 29 7.34 8.78 19.91
CA ARG D 29 8.09 9.29 18.77
C ARG D 29 8.23 8.20 17.72
N SER D 30 7.81 8.51 16.50
CA SER D 30 7.91 7.58 15.38
C SER D 30 9.12 7.90 14.51
N GLN D 31 9.33 7.06 13.49
CA GLN D 31 10.31 7.33 12.45
C GLN D 31 9.61 7.72 11.16
N GLY D 32 8.41 8.27 11.27
CA GLY D 32 7.58 8.63 10.11
C GLY D 32 6.45 7.64 9.93
N GLY D 33 5.89 7.60 8.72
CA GLY D 33 4.87 6.61 8.40
C GLY D 33 3.61 7.23 7.82
N TRP D 34 2.91 6.44 6.99
CA TRP D 34 1.62 6.82 6.41
C TRP D 34 1.64 8.21 5.80
N GLU D 35 2.67 8.52 5.01
CA GLU D 35 2.80 9.87 4.47
C GLU D 35 1.85 10.14 3.31
N VAL D 36 1.43 9.10 2.58
CA VAL D 36 0.40 9.28 1.55
C VAL D 36 -0.89 9.85 2.18
N LEU D 37 -1.32 9.26 3.29
CA LEU D 37 -2.48 9.77 4.02
C LEU D 37 -2.20 11.12 4.67
N ARG D 38 -0.99 11.28 5.21
CA ARG D 38 -0.58 12.55 5.82
C ARG D 38 -0.50 13.69 4.80
N TRP D 39 0.00 13.37 3.60
CA TRP D 39 -0.02 14.32 2.49
C TRP D 39 -1.44 14.64 2.06
N ALA D 40 -2.32 13.64 2.11
CA ALA D 40 -3.73 13.86 1.84
C ALA D 40 -4.30 14.89 2.81
N TYR D 41 -3.98 14.73 4.09
CA TYR D 41 -4.46 15.67 5.11
C TYR D 41 -3.84 17.05 4.98
N GLU D 42 -2.60 17.12 4.51
CA GLU D 42 -1.94 18.41 4.25
C GLU D 42 -2.76 19.26 3.29
N ARG D 43 -3.30 18.63 2.25
CA ARG D 43 -4.18 19.33 1.31
C ARG D 43 -5.44 19.80 2.04
N ALA D 44 -6.01 18.92 2.86
CA ALA D 44 -7.21 19.23 3.63
C ALA D 44 -6.98 20.40 4.57
N ARG D 45 -5.77 20.46 5.14
CA ARG D 45 -5.38 21.54 6.04
C ARG D 45 -5.37 22.89 5.34
N GLU D 46 -4.76 22.93 4.15
CA GLU D 46 -4.72 24.15 3.34
C GLU D 46 -6.12 24.67 3.05
N ARG D 47 -6.99 23.77 2.61
CA ARG D 47 -8.37 24.12 2.27
C ARG D 47 -9.10 24.69 3.48
N LEU D 48 -8.95 24.05 4.64
CA LEU D 48 -9.55 24.54 5.88
C LEU D 48 -8.93 25.87 6.32
N ASP D 49 -7.63 26.01 6.16
CA ASP D 49 -6.92 27.25 6.52
C ASP D 49 -7.44 28.45 5.72
N ALA D 50 -7.84 28.22 4.49
CA ALA D 50 -8.34 29.28 3.61
C ALA D 50 -9.82 29.62 3.87
N MET D 51 -10.56 28.67 4.45
CA MET D 51 -11.99 28.87 4.69
C MET D 51 -12.30 29.87 5.79
N LYS D 52 -11.40 29.99 6.77
CA LYS D 52 -11.56 30.93 7.88
C LYS D 52 -12.94 30.81 8.56
N PRO D 53 -13.28 29.59 9.05
CA PRO D 53 -14.60 29.35 9.64
C PRO D 53 -14.66 29.76 11.12
N ASP D 54 -15.86 29.99 11.62
CA ASP D 54 -16.08 30.27 13.04
C ASP D 54 -15.91 29.01 13.88
N VAL D 55 -16.32 27.86 13.34
CA VAL D 55 -16.44 26.65 14.13
C VAL D 55 -16.31 25.37 13.31
N LEU D 56 -15.77 24.33 13.96
CA LEU D 56 -15.67 22.99 13.39
C LEU D 56 -16.58 22.04 14.17
N LEU D 57 -17.53 21.41 13.47
CA LEU D 57 -18.37 20.40 14.10
C LEU D 57 -17.87 19.00 13.75
N VAL D 58 -17.81 18.14 14.75
CA VAL D 58 -17.30 16.79 14.57
C VAL D 58 -18.20 15.74 15.24
N HIS D 59 -18.45 14.66 14.50
CA HIS D 59 -19.24 13.52 14.95
C HIS D 59 -18.30 12.33 15.02
N SER D 60 -18.09 11.78 16.23
CA SER D 60 -17.08 10.75 16.43
C SER D 60 -17.68 9.41 16.83
N PRO D 61 -17.25 8.31 16.16
CA PRO D 61 -17.63 6.95 16.53
C PRO D 61 -17.17 6.48 17.92
N HIS D 62 -16.23 7.19 18.53
CA HIS D 62 -15.63 6.75 19.80
C HIS D 62 -16.05 7.60 21.01
N TRP D 63 -17.16 8.31 20.87
CA TRP D 63 -17.94 8.78 22.01
C TRP D 63 -19.34 8.21 21.83
N ILE D 64 -19.56 7.04 22.41
CA ILE D 64 -20.77 6.25 22.18
C ILE D 64 -21.76 6.51 23.30
N THR D 65 -23.00 6.83 22.92
CA THR D 65 -24.04 7.11 23.90
C THR D 65 -25.27 6.25 23.61
N SER D 66 -25.92 5.79 24.66
CA SER D 66 -27.10 4.93 24.57
C SER D 66 -28.37 5.75 24.57
N VAL D 67 -28.39 6.79 25.40
CA VAL D 67 -29.59 7.60 25.60
C VAL D 67 -29.50 8.89 24.78
N GLY D 68 -29.85 8.79 23.50
CA GLY D 68 -29.86 9.95 22.62
C GLY D 68 -28.49 10.45 22.19
N HIS D 69 -28.47 11.70 21.72
CA HIS D 69 -27.30 12.31 21.10
C HIS D 69 -26.72 13.44 21.96
N HIS D 70 -25.43 13.35 22.28
CA HIS D 70 -24.81 14.25 23.25
C HIS D 70 -23.91 15.27 22.57
N PHE D 71 -23.75 16.42 23.24
CA PHE D 71 -22.95 17.53 22.71
C PHE D 71 -22.05 18.11 23.81
N LEU D 72 -20.78 18.34 23.47
CA LEU D 72 -19.87 19.05 24.36
C LEU D 72 -20.51 20.36 24.79
N GLY D 73 -20.53 20.61 26.09
CA GLY D 73 -21.22 21.78 26.65
C GLY D 73 -20.46 22.52 27.74
N VAL D 74 -19.13 22.41 27.76
CA VAL D 74 -18.31 23.25 28.64
C VAL D 74 -17.29 24.01 27.78
N PRO D 75 -17.05 25.30 28.11
CA PRO D 75 -16.24 26.18 27.25
C PRO D 75 -14.82 25.68 26.97
N GLU D 76 -14.11 25.24 28.01
CA GLU D 76 -12.75 24.74 27.86
C GLU D 76 -12.67 23.29 28.32
N LEU D 77 -12.13 22.42 27.46
CA LEU D 77 -11.85 21.04 27.82
C LEU D 77 -10.42 20.71 27.46
N SER D 78 -9.76 19.95 28.34
CA SER D 78 -8.38 19.57 28.16
C SER D 78 -8.16 18.18 28.73
N GLY D 79 -6.99 17.61 28.48
CA GLY D 79 -6.64 16.31 29.04
C GLY D 79 -5.57 15.58 28.28
N LYS D 80 -5.31 14.34 28.68
CA LYS D 80 -4.33 13.48 28.05
C LYS D 80 -5.07 12.32 27.39
N SER D 81 -5.17 12.35 26.06
CA SER D 81 -5.92 11.34 25.33
C SER D 81 -5.02 10.16 24.95
N VAL D 82 -5.25 9.02 25.61
CA VAL D 82 -4.51 7.77 25.36
C VAL D 82 -5.42 6.77 24.64
N ASP D 83 -5.03 6.39 23.42
CA ASP D 83 -5.77 5.40 22.65
C ASP D 83 -5.69 4.03 23.32
N PRO D 84 -6.85 3.42 23.62
CA PRO D 84 -6.88 2.17 24.39
C PRO D 84 -6.32 0.95 23.64
N ILE D 85 -6.45 0.97 22.31
CA ILE D 85 -5.96 -0.12 21.47
C ILE D 85 -4.53 0.15 20.99
N PHE D 86 -4.22 1.43 20.73
CA PHE D 86 -2.88 1.82 20.25
C PHE D 86 -2.21 2.86 21.18
N PRO D 87 -1.98 2.49 22.45
CA PRO D 87 -1.36 3.44 23.39
C PRO D 87 0.11 3.74 23.12
N ASN D 88 0.77 2.85 22.38
CA ASN D 88 2.18 3.05 22.01
C ASN D 88 2.36 4.08 20.90
N VAL D 89 1.29 4.41 20.17
CA VAL D 89 1.34 5.39 19.09
C VAL D 89 0.63 6.72 19.40
N PHE D 90 -0.32 6.71 20.33
CA PHE D 90 -1.15 7.89 20.57
C PHE D 90 -1.36 8.14 22.07
N ARG D 91 -0.66 9.16 22.57
CA ARG D 91 -0.82 9.67 23.91
C ARG D 91 -0.70 11.19 23.83
N TYR D 92 -1.85 11.85 23.67
CA TYR D 92 -1.91 13.21 23.16
C TYR D 92 -2.48 14.21 24.18
N ASP D 93 -1.63 15.14 24.64
CA ASP D 93 -2.07 16.20 25.54
C ASP D 93 -2.79 17.27 24.75
N PHE D 94 -4.06 17.51 25.07
CA PHE D 94 -4.87 18.44 24.29
C PHE D 94 -5.51 19.51 25.15
N SER D 95 -5.92 20.58 24.48
CA SER D 95 -6.66 21.67 25.09
C SER D 95 -7.49 22.31 23.98
N LEU D 96 -8.81 22.21 24.06
CA LEU D 96 -9.68 22.75 23.03
C LEU D 96 -10.72 23.69 23.63
N ASN D 97 -11.38 24.42 22.75
CA ASN D 97 -12.46 25.33 23.13
C ASN D 97 -13.74 24.90 22.43
N VAL D 98 -14.85 24.91 23.16
CA VAL D 98 -16.14 24.53 22.59
C VAL D 98 -17.00 25.76 22.32
N ASP D 99 -17.63 25.76 21.15
CA ASP D 99 -18.65 26.76 20.83
C ASP D 99 -19.95 26.34 21.51
N VAL D 100 -20.05 26.64 22.80
CA VAL D 100 -21.16 26.17 23.62
C VAL D 100 -22.51 26.66 23.10
N GLU D 101 -22.56 27.92 22.64
CA GLU D 101 -23.80 28.51 22.13
C GLU D 101 -24.38 27.69 20.98
N LEU D 102 -23.53 27.36 20.00
CA LEU D 102 -23.95 26.54 18.86
C LEU D 102 -24.30 25.10 19.26
N ALA D 103 -23.49 24.52 20.14
CA ALA D 103 -23.75 23.15 20.64
C ALA D 103 -25.11 23.05 21.31
N GLU D 104 -25.44 24.06 22.12
CA GLU D 104 -26.76 24.16 22.75
C GLU D 104 -27.87 24.34 21.74
N ALA D 105 -27.59 25.11 20.68
CA ALA D 105 -28.55 25.31 19.61
C ALA D 105 -28.85 23.99 18.91
N CYS D 106 -27.79 23.22 18.61
CA CYS D 106 -27.94 21.91 17.95
C CYS D 106 -28.81 20.97 18.78
N ALA D 107 -28.52 20.90 20.08
CA ALA D 107 -29.25 20.03 21.01
C ALA D 107 -30.73 20.39 21.07
N GLU D 108 -31.01 21.67 21.24
CA GLU D 108 -32.39 22.18 21.29
C GLU D 108 -33.16 21.91 19.99
N GLU D 109 -32.46 22.01 18.87
CA GLU D 109 -33.06 21.79 17.56
C GLU D 109 -33.30 20.30 17.32
N GLY D 110 -32.39 19.46 17.82
CA GLY D 110 -32.59 18.02 17.83
C GLY D 110 -33.78 17.66 18.69
N ARG D 111 -33.84 18.25 19.88
CA ARG D 111 -34.95 18.03 20.82
C ARG D 111 -36.30 18.37 20.18
N LYS D 112 -36.37 19.53 19.52
CA LYS D 112 -37.59 19.97 18.85
C LYS D 112 -37.94 19.08 17.66
N ALA D 113 -36.91 18.47 17.06
CA ALA D 113 -37.09 17.59 15.91
C ALA D 113 -37.48 16.15 16.29
N GLY D 114 -37.64 15.87 17.58
CA GLY D 114 -38.08 14.55 18.04
C GLY D 114 -36.95 13.64 18.50
N LEU D 115 -35.71 14.13 18.45
CA LEU D 115 -34.57 13.38 18.95
C LEU D 115 -34.36 13.68 20.44
N VAL D 116 -33.84 12.70 21.18
CA VAL D 116 -33.39 12.97 22.55
C VAL D 116 -31.94 13.43 22.49
N THR D 117 -31.69 14.57 23.13
CA THR D 117 -30.39 15.20 23.14
C THR D 117 -30.00 15.57 24.55
N LYS D 118 -28.71 15.75 24.79
CA LYS D 118 -28.21 16.16 26.09
C LYS D 118 -26.92 16.95 25.93
N MET D 119 -26.72 17.92 26.83
CA MET D 119 -25.50 18.71 26.87
C MET D 119 -24.57 18.13 27.93
N MET D 120 -23.31 17.94 27.56
CA MET D 120 -22.29 17.45 28.46
C MET D 120 -21.69 18.62 29.28
N ARG D 121 -22.08 18.73 30.55
CA ARG D 121 -21.67 19.87 31.39
C ARG D 121 -20.54 19.55 32.36
N ASN D 122 -20.04 18.32 32.34
CA ASN D 122 -19.00 17.91 33.28
C ASN D 122 -17.62 18.38 32.82
N PRO D 123 -16.97 19.27 33.60
CA PRO D 123 -15.69 19.85 33.18
C PRO D 123 -14.49 18.90 33.19
N LYS D 124 -14.62 17.75 33.83
CA LYS D 124 -13.53 16.75 33.88
C LYS D 124 -13.68 15.67 32.81
N PHE D 125 -14.75 15.76 32.02
CA PHE D 125 -14.95 14.88 30.87
C PHE D 125 -13.71 14.89 29.97
N ARG D 126 -13.26 13.71 29.59
CA ARG D 126 -12.14 13.55 28.67
C ARG D 126 -12.68 13.37 27.25
N VAL D 127 -12.44 14.36 26.39
CA VAL D 127 -12.89 14.28 25.01
C VAL D 127 -12.25 13.06 24.34
N ASP D 128 -13.04 12.33 23.56
CA ASP D 128 -12.63 11.04 23.05
C ASP D 128 -11.48 11.17 22.06
N TYR D 129 -10.68 10.11 21.98
CA TYR D 129 -9.45 10.09 21.19
C TYR D 129 -9.66 10.27 19.69
N GLY D 130 -10.84 9.87 19.20
CA GLY D 130 -11.18 10.01 17.78
C GLY D 130 -11.44 11.46 17.41
N THR D 131 -12.19 12.16 18.26
CA THR D 131 -12.42 13.59 18.08
C THR D 131 -11.10 14.35 18.11
N ILE D 132 -10.23 13.98 19.05
CA ILE D 132 -8.92 14.64 19.18
C ILE D 132 -8.01 14.38 17.97
N THR D 133 -8.04 13.16 17.46
CA THR D 133 -7.23 12.80 16.30
C THR D 133 -7.68 13.53 15.04
N THR D 134 -8.98 13.45 14.73
CA THR D 134 -9.51 14.13 13.55
C THR D 134 -9.23 15.63 13.60
N LEU D 135 -9.47 16.26 14.75
CA LEU D 135 -9.24 17.70 14.90
C LEU D 135 -7.76 18.08 14.68
N HIS D 136 -6.84 17.33 15.27
CA HIS D 136 -5.42 17.54 15.01
C HIS D 136 -5.07 17.41 13.53
N LEU D 137 -5.68 16.45 12.85
CA LEU D 137 -5.36 16.16 11.45
C LEU D 137 -5.73 17.28 10.47
N ILE D 138 -6.85 17.98 10.69
CA ILE D 138 -7.23 19.12 9.83
C ILE D 138 -6.86 20.49 10.41
N ARG D 139 -6.66 20.57 11.72
CA ARG D 139 -6.28 21.81 12.38
C ARG D 139 -5.41 21.54 13.60
N PRO D 140 -4.09 21.34 13.38
CA PRO D 140 -3.18 21.10 14.49
C PRO D 140 -2.87 22.35 15.31
N GLN D 141 -3.34 23.51 14.86
CA GLN D 141 -3.14 24.76 15.61
C GLN D 141 -4.05 24.84 16.85
N TRP D 142 -5.21 24.17 16.79
CA TRP D 142 -6.19 24.18 17.89
C TRP D 142 -6.66 25.59 18.20
N ASP D 143 -7.03 26.33 17.16
CA ASP D 143 -7.41 27.74 17.28
C ASP D 143 -8.81 28.02 16.72
N ILE D 144 -9.56 26.97 16.40
CA ILE D 144 -10.96 27.10 15.99
C ILE D 144 -11.84 26.39 17.00
N PRO D 145 -12.90 27.06 17.50
CA PRO D 145 -13.83 26.39 18.43
C PRO D 145 -14.52 25.20 17.79
N VAL D 146 -14.94 24.24 18.61
CA VAL D 146 -15.58 23.03 18.09
C VAL D 146 -16.91 22.71 18.77
N VAL D 147 -17.69 21.90 18.07
CA VAL D 147 -18.86 21.24 18.62
C VAL D 147 -18.59 19.76 18.47
N GLY D 148 -18.36 19.08 19.60
CA GLY D 148 -18.18 17.64 19.62
C GLY D 148 -19.52 16.96 19.80
N ILE D 149 -19.92 16.17 18.82
CA ILE D 149 -21.18 15.43 18.86
C ILE D 149 -20.88 13.94 19.07
N SER D 150 -21.68 13.30 19.92
CA SER D 150 -21.53 11.87 20.19
C SER D 150 -22.14 11.04 19.07
N ALA D 151 -21.80 9.76 19.04
CA ALA D 151 -22.43 8.82 18.11
C ALA D 151 -23.42 7.96 18.88
N ASN D 152 -24.70 8.31 18.80
CA ASN D 152 -25.75 7.52 19.43
C ASN D 152 -25.76 6.06 18.95
N ASN D 153 -26.01 5.15 19.89
CA ASN D 153 -26.14 3.69 19.68
C ASN D 153 -26.96 3.17 18.52
N SER D 154 -27.99 3.92 18.13
CA SER D 154 -29.08 3.41 17.30
C SER D 154 -28.70 2.50 16.12
N PRO D 155 -27.63 2.82 15.37
CA PRO D 155 -27.29 1.94 14.25
C PRO D 155 -26.98 0.51 14.66
N TYR D 156 -26.44 0.32 15.86
CA TYR D 156 -26.03 -0.99 16.36
C TYR D 156 -27.09 -1.65 17.23
N TYR D 157 -27.70 -0.87 18.12
CA TYR D 157 -28.69 -1.40 19.07
C TYR D 157 -30.02 -1.65 18.36
N LEU D 158 -30.44 -0.71 17.53
CA LEU D 158 -31.65 -0.89 16.72
C LEU D 158 -31.28 -1.62 15.43
N ASN D 159 -30.93 -0.87 14.39
CA ASN D 159 -30.44 -1.41 13.12
C ASN D 159 -29.97 -0.24 12.27
N THR D 160 -29.33 -0.54 11.15
CA THR D 160 -28.70 0.49 10.32
C THR D 160 -29.69 1.56 9.85
N LYS D 161 -30.84 1.13 9.35
CA LYS D 161 -31.79 2.06 8.73
C LYS D 161 -32.41 2.99 9.76
N GLU D 162 -32.85 2.45 10.89
CA GLU D 162 -33.40 3.27 11.98
C GLU D 162 -32.33 4.20 12.55
N GLY D 163 -31.10 3.68 12.66
CA GLY D 163 -29.98 4.49 13.12
C GLY D 163 -29.66 5.62 12.17
N MET D 164 -29.56 5.30 10.88
CA MET D 164 -29.28 6.31 9.86
C MET D 164 -30.37 7.40 9.83
N SER D 165 -31.62 7.01 10.06
CA SER D 165 -32.74 7.99 10.13
C SER D 165 -32.58 9.00 11.26
N GLU D 166 -32.11 8.54 12.42
CA GLU D 166 -31.80 9.46 13.52
C GLU D 166 -30.63 10.39 13.17
N MET D 167 -29.65 9.88 12.45
CA MET D 167 -28.51 10.70 12.00
C MET D 167 -28.97 11.72 10.95
N ASP D 168 -29.88 11.30 10.09
CA ASP D 168 -30.50 12.20 9.14
C ASP D 168 -31.17 13.38 9.87
N VAL D 169 -32.01 13.08 10.85
CA VAL D 169 -32.68 14.14 11.64
C VAL D 169 -31.65 15.00 12.39
N LEU D 170 -30.63 14.37 12.95
CA LEU D 170 -29.56 15.10 13.64
C LEU D 170 -28.89 16.07 12.68
N GLY D 171 -28.64 15.62 11.45
CA GLY D 171 -28.03 16.45 10.42
C GLY D 171 -28.87 17.69 10.11
N LYS D 172 -30.17 17.47 9.92
CA LYS D 172 -31.13 18.55 9.67
C LYS D 172 -31.23 19.50 10.86
N ALA D 173 -31.26 18.96 12.07
CA ALA D 173 -31.25 19.77 13.28
C ALA D 173 -29.99 20.62 13.34
N THR D 174 -28.86 20.02 12.98
CA THR D 174 -27.57 20.70 12.97
C THR D 174 -27.58 21.87 11.99
N ARG D 175 -28.11 21.62 10.79
CA ARG D 175 -28.22 22.67 9.77
C ARG D 175 -29.02 23.86 10.31
N GLU D 176 -30.17 23.58 10.91
CA GLU D 176 -31.00 24.62 11.52
C GLU D 176 -30.29 25.43 12.60
N ALA D 177 -29.51 24.76 13.44
CA ALA D 177 -28.74 25.44 14.48
C ALA D 177 -27.74 26.42 13.89
N ILE D 178 -27.03 26.01 12.84
CA ILE D 178 -26.05 26.88 12.18
C ILE D 178 -26.79 28.04 11.50
N ARG D 179 -27.91 27.73 10.87
CA ARG D 179 -28.75 28.75 10.23
C ARG D 179 -29.26 29.79 11.23
N LYS D 180 -29.78 29.33 12.37
CA LYS D 180 -30.33 30.24 13.39
C LYS D 180 -29.27 31.08 14.08
N THR D 181 -28.11 30.49 14.36
CA THR D 181 -27.04 31.18 15.08
C THR D 181 -26.18 32.04 14.14
N GLY D 182 -26.37 31.90 12.84
CA GLY D 182 -25.59 32.67 11.85
C GLY D 182 -24.13 32.28 11.75
N ARG D 183 -23.81 31.04 12.13
CA ARG D 183 -22.42 30.59 12.15
C ARG D 183 -21.93 30.20 10.75
N LYS D 184 -20.63 30.38 10.54
CA LYS D 184 -19.97 29.91 9.33
C LYS D 184 -19.11 28.72 9.73
N ALA D 185 -19.60 27.52 9.40
CA ALA D 185 -19.09 26.27 9.95
C ALA D 185 -18.64 25.29 8.88
N VAL D 186 -17.68 24.43 9.24
CA VAL D 186 -17.34 23.28 8.40
C VAL D 186 -17.71 22.02 9.19
N LEU D 187 -18.10 20.98 8.47
CA LEU D 187 -18.49 19.72 9.08
C LEU D 187 -17.37 18.70 8.93
N LEU D 188 -17.24 17.81 9.92
CA LEU D 188 -16.18 16.80 9.95
C LEU D 188 -16.77 15.44 10.30
N ALA D 189 -16.97 14.59 9.28
CA ALA D 189 -17.41 13.22 9.49
C ALA D 189 -16.19 12.34 9.77
N SER D 190 -16.01 11.97 11.04
CA SER D 190 -14.83 11.21 11.47
C SER D 190 -15.03 9.71 11.30
N ASN D 191 -15.09 9.25 10.06
CA ASN D 191 -15.31 7.84 9.76
C ASN D 191 -14.28 7.31 8.77
N THR D 192 -13.78 6.10 9.04
CA THR D 192 -12.98 5.38 8.06
C THR D 192 -13.95 4.61 7.18
N LEU D 193 -13.46 4.15 6.03
CA LEU D 193 -14.27 3.31 5.15
C LEU D 193 -14.17 1.87 5.63
N SER D 194 -13.69 0.93 4.80
CA SER D 194 -13.65 -0.49 5.17
C SER D 194 -12.83 -0.71 6.43
N HIS D 195 -13.37 -1.47 7.39
CA HIS D 195 -12.73 -1.62 8.70
C HIS D 195 -12.31 -3.06 9.03
N TRP D 196 -12.22 -3.93 8.01
CA TRP D 196 -11.54 -5.22 8.19
C TRP D 196 -10.05 -4.89 8.41
N HIS D 197 -9.40 -5.60 9.33
CA HIS D 197 -8.09 -5.20 9.81
C HIS D 197 -7.17 -6.35 10.17
N PHE D 198 -5.87 -6.04 10.24
CA PHE D 198 -4.87 -7.01 10.67
C PHE D 198 -5.04 -7.30 12.15
N HIS D 199 -4.64 -8.50 12.56
CA HIS D 199 -4.62 -8.87 13.98
C HIS D 199 -3.20 -8.78 14.55
N GLU D 200 -2.56 -7.63 14.31
CA GLU D 200 -1.40 -7.11 15.05
C GLU D 200 -0.47 -6.24 14.20
N GLU D 201 0.18 -5.28 14.87
CA GLU D 201 1.24 -4.47 14.27
C GLU D 201 2.55 -5.26 14.29
N PRO D 202 3.49 -4.92 13.38
CA PRO D 202 4.70 -5.73 13.21
C PRO D 202 5.90 -5.25 14.02
N THR D 203 5.70 -5.03 15.31
CA THR D 203 6.75 -4.56 16.22
C THR D 203 7.14 -3.11 15.91
N ILE D 204 7.49 -2.83 14.66
CA ILE D 204 7.67 -1.46 14.16
C ILE D 204 6.40 -1.02 13.43
N PRO D 205 5.50 -0.28 14.11
CA PRO D 205 4.27 0.14 13.45
C PRO D 205 4.45 0.99 12.18
N GLU D 206 5.58 1.70 12.07
CA GLU D 206 5.84 2.58 10.93
C GLU D 206 6.29 1.85 9.67
N ASP D 207 6.55 0.55 9.77
CA ASP D 207 7.05 -0.22 8.63
C ASP D 207 5.95 -0.28 7.56
N MET D 208 6.03 0.65 6.61
CA MET D 208 5.04 0.74 5.54
C MET D 208 5.14 -0.40 4.53
N SER D 209 6.24 -1.16 4.58
CA SER D 209 6.35 -2.39 3.79
C SER D 209 5.36 -3.45 4.26
N LYS D 210 4.76 -3.24 5.44
CA LYS D 210 3.77 -4.15 6.01
C LYS D 210 2.39 -3.49 6.14
N GLU D 211 2.16 -2.45 5.35
CA GLU D 211 0.89 -1.73 5.35
C GLU D 211 0.20 -1.87 3.99
N TYR D 212 -0.98 -2.49 3.99
CA TYR D 212 -1.73 -2.75 2.78
C TYR D 212 -3.17 -3.10 3.11
N PRO D 213 -4.07 -3.09 2.11
CA PRO D 213 -5.46 -3.48 2.33
C PRO D 213 -5.60 -4.86 2.99
N ALA D 214 -6.48 -4.95 3.97
CA ALA D 214 -6.71 -6.20 4.68
C ALA D 214 -7.30 -7.25 3.75
N THR D 215 -8.25 -6.82 2.93
CA THR D 215 -8.93 -7.71 1.98
C THR D 215 -9.10 -7.00 0.64
N MET D 216 -9.14 -7.80 -0.42
CA MET D 216 -9.38 -7.29 -1.76
C MET D 216 -10.80 -6.74 -1.88
N ALA D 217 -11.75 -7.45 -1.29
CA ALA D 217 -13.16 -7.04 -1.32
C ALA D 217 -13.38 -5.68 -0.66
N GLY D 218 -12.81 -5.49 0.52
CA GLY D 218 -12.93 -4.22 1.24
C GLY D 218 -12.40 -3.03 0.44
N TYR D 219 -11.19 -3.19 -0.09
CA TYR D 219 -10.56 -2.18 -0.94
C TYR D 219 -11.44 -1.87 -2.15
N GLN D 220 -11.97 -2.91 -2.81
CA GLN D 220 -12.83 -2.73 -3.98
C GLN D 220 -14.11 -1.97 -3.64
N TRP D 221 -14.72 -2.29 -2.50
CA TRP D 221 -15.87 -1.52 -2.01
C TRP D 221 -15.51 -0.06 -1.76
N ASP D 222 -14.37 0.17 -1.12
CA ASP D 222 -13.92 1.54 -0.85
C ASP D 222 -13.74 2.34 -2.14
N ILE D 223 -12.97 1.77 -3.07
CA ILE D 223 -12.74 2.39 -4.38
C ILE D 223 -14.06 2.71 -5.07
N ARG D 224 -14.97 1.74 -5.08
CA ARG D 224 -16.27 1.93 -5.73
C ARG D 224 -17.03 3.10 -5.11
N MET D 225 -17.05 3.16 -3.78
CA MET D 225 -17.85 4.17 -3.09
C MET D 225 -17.27 5.57 -3.27
N ILE D 226 -15.96 5.71 -3.11
CA ILE D 226 -15.36 7.05 -3.21
C ILE D 226 -15.27 7.56 -4.65
N GLU D 227 -15.19 6.64 -5.61
CA GLU D 227 -15.27 7.03 -7.04
C GLU D 227 -16.64 7.64 -7.32
N LEU D 228 -17.67 7.00 -6.78
CA LEU D 228 -19.06 7.42 -6.96
C LEU D 228 -19.29 8.84 -6.43
N MET D 229 -18.81 9.11 -5.22
CA MET D 229 -18.93 10.46 -4.63
C MET D 229 -17.98 11.47 -5.28
N ARG D 230 -16.95 10.97 -5.96
CA ARG D 230 -16.09 11.81 -6.80
C ARG D 230 -16.85 12.24 -8.08
N GLN D 231 -17.76 11.38 -8.53
CA GLN D 231 -18.67 11.70 -9.64
C GLN D 231 -19.86 12.56 -9.20
N GLY D 232 -19.96 12.83 -7.91
CA GLY D 232 -21.08 13.59 -7.36
C GLY D 232 -22.40 12.82 -7.39
N LYS D 233 -22.33 11.49 -7.41
CA LYS D 233 -23.53 10.66 -7.39
C LYS D 233 -23.89 10.29 -5.95
N THR D 234 -24.22 11.33 -5.17
CA THR D 234 -24.48 11.18 -3.73
C THR D 234 -25.66 10.27 -3.45
N SER D 235 -26.75 10.48 -4.17
CA SER D 235 -27.93 9.61 -4.09
C SER D 235 -27.55 8.13 -4.23
N GLU D 236 -26.64 7.83 -5.16
CA GLU D 236 -26.18 6.46 -5.39
C GLU D 236 -25.31 5.94 -4.24
N VAL D 237 -24.48 6.81 -3.64
CA VAL D 237 -23.65 6.43 -2.50
C VAL D 237 -24.52 5.95 -1.33
N PHE D 238 -25.59 6.69 -1.05
CA PHE D 238 -26.45 6.40 0.11
C PHE D 238 -27.38 5.20 -0.10
N LYS D 239 -27.68 4.87 -1.35
CA LYS D 239 -28.42 3.64 -1.63
C LYS D 239 -27.55 2.40 -1.43
N LEU D 240 -26.27 2.51 -1.77
CA LEU D 240 -25.31 1.42 -1.55
C LEU D 240 -24.83 1.32 -0.10
N LEU D 241 -25.10 2.33 0.72
CA LEU D 241 -24.47 2.45 2.04
C LEU D 241 -24.73 1.25 2.97
N PRO D 242 -25.99 0.79 3.07
CA PRO D 242 -26.26 -0.36 3.94
C PRO D 242 -25.52 -1.64 3.51
N GLN D 243 -25.41 -1.89 2.21
CA GLN D 243 -24.66 -3.04 1.73
C GLN D 243 -23.16 -2.84 1.95
N PHE D 244 -22.69 -1.63 1.65
CA PHE D 244 -21.30 -1.24 1.90
C PHE D 244 -20.93 -1.48 3.37
N ILE D 245 -21.79 -1.00 4.28
CA ILE D 245 -21.63 -1.22 5.70
C ILE D 245 -21.53 -2.71 6.06
N ASP D 246 -22.46 -3.51 5.55
CA ASP D 246 -22.50 -4.95 5.86
C ASP D 246 -21.24 -5.68 5.38
N GLU D 247 -20.84 -5.41 4.14
CA GLU D 247 -19.79 -6.18 3.49
C GLU D 247 -18.39 -5.63 3.75
N ALA D 248 -18.26 -4.31 3.72
CA ALA D 248 -16.97 -3.66 4.02
C ALA D 248 -16.76 -3.40 5.51
N PHE D 249 -17.77 -3.66 6.34
CA PHE D 249 -17.69 -3.44 7.79
C PHE D 249 -17.25 -1.99 8.04
N ALA D 250 -17.82 -1.07 7.27
CA ALA D 250 -17.36 0.32 7.23
C ALA D 250 -17.79 1.11 8.46
N GLU D 251 -16.93 2.03 8.89
CA GLU D 251 -17.19 2.81 10.09
C GLU D 251 -18.29 3.86 9.89
N VAL D 252 -18.68 4.10 8.65
CA VAL D 252 -19.82 4.98 8.35
C VAL D 252 -21.13 4.50 8.97
N LYS D 253 -21.20 3.23 9.35
CA LYS D 253 -22.31 2.73 10.15
C LYS D 253 -22.52 3.58 11.42
N SER D 254 -21.44 4.16 11.94
CA SER D 254 -21.51 4.99 13.14
C SER D 254 -22.41 6.23 12.97
N GLY D 255 -22.45 6.77 11.76
CA GLY D 255 -23.45 7.78 11.40
C GLY D 255 -22.95 9.16 11.02
N ALA D 256 -21.67 9.44 11.24
CA ALA D 256 -21.11 10.76 10.95
C ALA D 256 -21.30 11.16 9.48
N PHE D 257 -21.10 10.21 8.58
CA PHE D 257 -21.18 10.48 7.15
C PHE D 257 -22.61 10.87 6.75
N THR D 258 -23.59 10.18 7.30
CA THR D 258 -25.00 10.49 7.09
C THR D 258 -25.39 11.81 7.74
N TRP D 259 -24.91 12.03 8.96
CA TRP D 259 -25.14 13.31 9.66
C TRP D 259 -24.63 14.50 8.86
N MET D 260 -23.42 14.39 8.32
CA MET D 260 -22.81 15.47 7.55
C MET D 260 -23.61 15.78 6.29
N HIS D 261 -23.87 14.75 5.49
CA HIS D 261 -24.63 14.93 4.25
C HIS D 261 -26.06 15.40 4.46
N ALA D 262 -26.69 14.94 5.54
CA ALA D 262 -28.03 15.40 5.90
C ALA D 262 -28.04 16.90 6.18
N ALA D 263 -27.01 17.38 6.90
CA ALA D 263 -26.86 18.80 7.18
C ALA D 263 -26.57 19.60 5.91
N MET D 264 -25.88 18.97 4.95
CA MET D 264 -25.57 19.58 3.64
C MET D 264 -26.72 19.42 2.64
N GLN D 265 -27.73 18.61 3.00
CA GLN D 265 -28.86 18.30 2.14
C GLN D 265 -28.46 17.46 0.93
N TYR D 266 -27.67 16.42 1.20
CA TYR D 266 -27.28 15.41 0.20
C TYR D 266 -26.95 16.03 -1.17
N PRO D 267 -25.98 16.97 -1.20
CA PRO D 267 -25.67 17.65 -2.44
C PRO D 267 -25.14 16.70 -3.50
N GLU D 268 -25.79 16.71 -4.66
CA GLU D 268 -25.32 15.94 -5.82
C GLU D 268 -24.12 16.71 -6.37
N LEU D 269 -23.00 16.61 -5.64
CA LEU D 269 -21.83 17.46 -5.87
C LEU D 269 -20.55 16.64 -5.86
N ALA D 270 -19.76 16.77 -6.92
CA ALA D 270 -18.49 16.08 -7.06
C ALA D 270 -17.57 16.42 -5.89
N ALA D 271 -17.19 15.39 -5.12
CA ALA D 271 -16.30 15.58 -3.98
C ALA D 271 -14.86 15.45 -4.45
N GLU D 272 -13.95 16.13 -3.77
CA GLU D 272 -12.54 16.06 -4.08
C GLU D 272 -11.85 15.05 -3.17
N LEU D 273 -11.15 14.09 -3.76
CA LEU D 273 -10.37 13.11 -3.02
C LEU D 273 -8.95 13.66 -2.82
N PHE D 274 -8.60 13.98 -1.58
CA PHE D 274 -7.23 14.40 -1.26
C PHE D 274 -6.29 13.19 -1.24
N GLY D 275 -6.81 12.04 -0.83
CA GLY D 275 -6.02 10.82 -0.84
C GLY D 275 -6.69 9.63 -0.19
N TYR D 276 -6.39 8.44 -0.72
CA TYR D 276 -6.79 7.19 -0.11
C TYR D 276 -5.56 6.42 0.32
N GLY D 277 -5.68 5.73 1.45
CA GLY D 277 -4.60 4.92 1.99
C GLY D 277 -5.11 3.93 3.00
N THR D 278 -4.22 3.07 3.49
CA THR D 278 -4.59 2.02 4.43
C THR D 278 -3.85 2.17 5.76
N VAL D 279 -4.55 1.91 6.87
CA VAL D 279 -3.92 1.85 8.19
C VAL D 279 -4.38 0.61 8.96
N ILE D 280 -3.42 -0.28 9.23
CA ILE D 280 -3.70 -1.64 9.75
C ILE D 280 -4.69 -2.40 8.86
N GLY D 281 -4.68 -2.09 7.56
CA GLY D 281 -5.58 -2.75 6.61
C GLY D 281 -6.90 -2.05 6.36
N THR D 282 -7.24 -1.04 7.16
CA THR D 282 -8.53 -0.36 7.04
C THR D 282 -8.47 0.72 5.96
N GLY D 283 -9.57 0.87 5.23
CA GLY D 283 -9.65 1.87 4.18
C GLY D 283 -9.96 3.26 4.73
N ASN D 284 -9.10 4.21 4.42
CA ASN D 284 -9.28 5.59 4.85
C ASN D 284 -9.13 6.56 3.69
N ALA D 285 -10.19 7.34 3.44
CA ALA D 285 -10.19 8.37 2.41
C ALA D 285 -10.38 9.73 3.06
N VAL D 286 -9.69 10.75 2.54
CA VAL D 286 -9.85 12.12 3.01
C VAL D 286 -10.42 12.95 1.87
N MET D 287 -11.63 13.49 2.06
CA MET D 287 -12.39 14.10 0.97
C MET D 287 -13.11 15.36 1.41
N GLU D 288 -13.53 16.18 0.44
CA GLU D 288 -14.25 17.43 0.70
C GLU D 288 -15.46 17.63 -0.22
N TRP D 289 -16.52 18.19 0.34
CA TRP D 289 -17.63 18.74 -0.44
C TRP D 289 -17.61 20.26 -0.25
N ASP D 290 -17.07 20.97 -1.24
CA ASP D 290 -16.91 22.43 -1.15
C ASP D 290 -18.20 23.14 -1.54
N LEU D 291 -19.08 23.30 -0.56
CA LEU D 291 -20.39 23.93 -0.79
C LEU D 291 -20.29 25.41 -1.12
N ARG D 292 -19.20 26.05 -0.70
CA ARG D 292 -18.97 27.46 -1.00
C ARG D 292 -18.68 27.66 -2.49
N LYS D 293 -17.86 26.80 -3.07
CA LYS D 293 -17.55 26.86 -4.50
C LYS D 293 -18.74 26.45 -5.35
N ALA D 294 -19.59 25.57 -4.82
CA ALA D 294 -20.78 25.10 -5.52
C ALA D 294 -21.98 26.05 -5.40
N GLY D 295 -21.82 27.12 -4.62
CA GLY D 295 -22.91 28.07 -4.38
C GLY D 295 -24.06 27.45 -3.59
N LEU D 296 -23.73 26.49 -2.72
CA LEU D 296 -24.73 25.81 -1.89
C LEU D 296 -24.45 25.98 -0.40
N SER D 297 -23.57 26.92 -0.04
CA SER D 297 -23.14 27.05 1.36
C SER D 297 -24.08 27.89 2.22
N MET D 298 -24.85 28.77 1.60
CA MET D 298 -25.69 29.70 2.33
C MET D 298 -27.02 29.05 2.74
N LEU D 299 -27.45 29.33 3.97
CA LEU D 299 -28.61 28.68 4.57
C LEU D 299 -29.79 29.64 4.72
CL CL E . 21.53 -5.91 -30.99
FE FE2 F . 11.02 1.00 -16.04
O3 2XP G . 8.96 -0.34 -16.11
C1 2XP G . 9.13 -0.79 -14.96
O2 2XP G . 9.40 -1.99 -14.75
C2 2XP G . 9.15 0.13 -13.83
N 2XP G . 10.03 1.03 -13.90
C3 2XP G . 8.38 0.01 -12.57
C4 2XP G . 7.32 -0.75 -12.22
C5 2XP G . 6.57 -1.83 -12.89
C6 2XP G . 6.50 -2.15 -14.17
O1 2XP G . 7.20 -1.54 -15.11
FE FE2 H . -12.51 4.34 14.59
O1 2X7 I . -10.21 3.68 15.08
C1 2X7 I . -9.48 3.69 14.10
C2 2X7 I . -10.00 3.48 12.76
N 2X7 I . -11.17 3.85 12.49
C3 2X7 I . -9.31 2.70 11.71
C4 2X7 I . -8.10 2.16 11.78
C5 2X7 I . -7.14 2.14 12.88
C6 2X7 I . -7.13 2.92 13.97
O2 2X7 I . -8.08 3.97 14.28
O OH J . -12.83 2.16 14.91
#